data_7WSH
#
_entry.id   7WSH
#
_cell.length_a   1.00
_cell.length_b   1.00
_cell.length_c   1.00
_cell.angle_alpha   90.00
_cell.angle_beta   90.00
_cell.angle_gamma   90.00
#
_symmetry.space_group_name_H-M   'P 1'
#
loop_
_entity.id
_entity.type
_entity.pdbx_description
1 polymer 'Angiotensin-converting enzyme'
2 polymer 'Spike protein S1'
3 non-polymer 'ZINC ION'
4 non-polymer 2-acetamido-2-deoxy-beta-D-glucopyranose
#
loop_
_entity_poly.entity_id
_entity_poly.type
_entity_poly.pdbx_seq_one_letter_code
_entity_poly.pdbx_strand_id
1 'polypeptide(L)'
;MLGSSWLLLSLAALTAARSTTEDLVKTFLEKFNSEAEELSYQSSLASWNYNTNITDENVQKMNDAGAKWSAFYEEQSKQA
KTYPLEEIQDSTVKRQLQALQHSGSSVLSADKSQRLNTILNAMSTIYSTGKACNPNNPQECLLLEPGLDDIMANSRDYNE
RLWAWEGWRSEVGKQLRPLYEEYVALKNEMARANNYEDYGDYWRGDYEEEWTNGYNYSRDQLIKDVEQTFTQIQPLYEHL
HAYVRAKLMDTYPSHMSPTGCLPAHLLGDMWGRFWTNLYPLTVPFGQKPNIDVTDTMVNQSWDARRIFEEAEKFFVSVGL
PNMTQGFWENSMLTEPGDSRKVVCHPTAWDLGKHDFRIKMCTKVTMDDFLTAHHEMGHIQYDMAYAAQPFLLRNGANEGF
HEAVGEIMSLSAATPKHLKNIGLLPPGFSEDNETDINFLFKQALTIVGTLPFTYMLEKWRWMVFKGEIPKEQWMKKWWEM
KRDLVGVVEPLPHDETYCDPASLFHVANDYSFIRYYTRTIYQFQFQEALCQIAKHEGPLHKCDISNSSEAGQTLLQMLKL
GRSKPWTLALYRVVGAKNMDVRPLLNYFDPLFTWLKEQNRNSFVGWNTDWSPYADQSIKVRISLKSALGEKAYEWNDNEM
YLFRSSIAYAMREYFSKVKNQMIPFVEDNVWVNNLKPRISFTFFVTSPGNMSDIIPRADVEEAIRMSRGRINDAFRLDDN
SLEFLGIQPTLEPPYQPPVTIWLIVFGVVMAVVVVGIVLLIFSGIRSRRKNDQATSEENPYASVNLSKGENNPGFQNVDD
VQTSSF
;
A
2 'polypeptide(L)'
;TNLCPFGEVFNATRFASVYAWNRKRISNCVADYSVLYNSASFSTFKCYGVSPTKLNDLCFTNVYADSFVIRGDEVRQIAP
GQTGKIADYNYKLPDDFTGCVIAWNSNNLDSKVGGNYNYLYRLFRKSNLKPFERDISTEIYQAGSTPCNGVEGFNCYFPL
QSYGFQPTNGVGYQPYRVVVLSFELLHAPATVCGP
;
B
#
# COMPACT_ATOMS: atom_id res chain seq x y z
N ARG A 18 20.84 27.33 -21.38
CA ARG A 18 20.30 26.36 -22.33
C ARG A 18 19.10 25.63 -21.72
N SER A 19 19.39 24.60 -20.92
CA SER A 19 18.35 23.80 -20.26
C SER A 19 18.75 23.55 -18.83
N THR A 20 17.84 23.81 -17.90
CA THR A 20 18.11 23.57 -16.49
C THR A 20 18.10 22.07 -16.20
N THR A 21 18.81 21.69 -15.13
CA THR A 21 18.80 20.30 -14.68
C THR A 21 17.45 19.86 -14.17
N GLU A 22 16.56 20.81 -13.83
CA GLU A 22 15.20 20.43 -13.43
C GLU A 22 14.40 19.93 -14.63
N ASP A 23 14.68 20.47 -15.81
CA ASP A 23 14.01 19.97 -17.01
C ASP A 23 14.55 18.60 -17.42
N LEU A 24 15.85 18.37 -17.25
CA LEU A 24 16.43 17.09 -17.62
C LEU A 24 15.86 15.96 -16.78
N VAL A 25 15.72 16.18 -15.47
CA VAL A 25 15.15 15.14 -14.61
C VAL A 25 13.67 14.92 -14.91
N LYS A 26 12.95 16.00 -15.26
CA LYS A 26 11.55 15.85 -15.64
C LYS A 26 11.42 15.00 -16.90
N THR A 27 12.23 15.28 -17.92
CA THR A 27 12.23 14.46 -19.11
C THR A 27 12.70 13.04 -18.79
N PHE A 28 13.69 12.91 -17.91
CA PHE A 28 14.13 11.59 -17.48
C PHE A 28 13.02 10.85 -16.74
N LEU A 29 12.25 11.57 -15.92
CA LEU A 29 11.15 10.93 -15.20
C LEU A 29 10.02 10.51 -16.13
N GLU A 30 9.71 11.34 -17.14
CA GLU A 30 8.68 10.96 -18.10
C GLU A 30 9.07 9.70 -18.86
N LYS A 31 10.33 9.61 -19.28
CA LYS A 31 10.81 8.39 -19.91
C LYS A 31 10.80 7.23 -18.92
N PHE A 32 11.20 7.49 -17.67
CA PHE A 32 11.17 6.45 -16.65
C PHE A 32 9.75 6.00 -16.37
N ASN A 33 8.84 6.96 -16.17
CA ASN A 33 7.46 6.62 -15.80
C ASN A 33 6.79 5.77 -16.88
N SER A 34 7.02 6.11 -18.15
CA SER A 34 6.39 5.36 -19.23
C SER A 34 6.85 3.90 -19.24
N GLU A 35 8.13 3.67 -18.99
CA GLU A 35 8.65 2.31 -18.97
C GLU A 35 8.52 1.66 -17.60
N ALA A 36 8.54 2.44 -16.52
CA ALA A 36 8.29 1.86 -15.20
C ALA A 36 6.87 1.36 -15.07
N GLU A 37 5.91 2.09 -15.64
CA GLU A 37 4.51 1.66 -15.56
C GLU A 37 4.30 0.31 -16.22
N GLU A 38 4.86 0.11 -17.41
CA GLU A 38 4.67 -1.15 -18.12
C GLU A 38 5.45 -2.28 -17.48
N LEU A 39 6.71 -2.04 -17.12
CA LEU A 39 7.54 -3.11 -16.57
C LEU A 39 7.09 -3.51 -15.17
N SER A 40 6.68 -2.54 -14.34
CA SER A 40 6.16 -2.87 -13.02
C SER A 40 4.84 -3.62 -13.12
N TYR A 41 3.98 -3.22 -14.06
CA TYR A 41 2.72 -3.93 -14.23
C TYR A 41 2.94 -5.37 -14.64
N GLN A 42 3.88 -5.62 -15.55
CA GLN A 42 4.22 -7.00 -15.92
C GLN A 42 4.74 -7.76 -14.72
N SER A 43 5.59 -7.12 -13.91
CA SER A 43 6.03 -7.74 -12.67
C SER A 43 4.87 -7.95 -11.71
N SER A 44 3.99 -6.95 -11.60
CA SER A 44 2.84 -7.07 -10.71
C SER A 44 1.84 -8.09 -11.23
N LEU A 45 1.59 -8.10 -12.54
CA LEU A 45 0.67 -9.08 -13.12
C LEU A 45 1.22 -10.49 -12.99
N ALA A 46 2.53 -10.66 -13.23
CA ALA A 46 3.14 -11.98 -13.09
C ALA A 46 3.11 -12.45 -11.64
N SER A 47 3.36 -11.55 -10.69
CA SER A 47 3.27 -11.91 -9.28
C SER A 47 1.84 -12.26 -8.89
N TRP A 48 0.86 -11.52 -9.44
CA TRP A 48 -0.54 -11.84 -9.18
C TRP A 48 -0.91 -13.22 -9.70
N ASN A 49 -0.44 -13.56 -10.90
CA ASN A 49 -0.73 -14.87 -11.47
C ASN A 49 -0.13 -15.98 -10.61
N TYR A 50 1.10 -15.78 -10.13
CA TYR A 50 1.69 -16.77 -9.23
C TYR A 50 0.94 -16.85 -7.92
N ASN A 51 0.53 -15.71 -7.37
CA ASN A 51 -0.17 -15.70 -6.09
C ASN A 51 -1.56 -16.31 -6.20
N THR A 52 -2.21 -16.16 -7.35
CA THR A 52 -3.53 -16.76 -7.58
C THR A 52 -3.44 -18.08 -8.34
N ASN A 53 -2.23 -18.52 -8.70
CA ASN A 53 -2.06 -19.83 -9.32
C ASN A 53 -0.61 -20.26 -9.06
N ILE A 54 -0.42 -21.12 -8.07
CA ILE A 54 0.91 -21.57 -7.70
C ILE A 54 1.35 -22.72 -8.61
N THR A 55 2.09 -22.39 -9.66
CA THR A 55 2.67 -23.38 -10.55
C THR A 55 4.12 -23.04 -10.82
N ASP A 56 4.91 -24.06 -11.16
CA ASP A 56 6.34 -23.85 -11.37
C ASP A 56 6.61 -22.89 -12.54
N GLU A 57 5.79 -22.98 -13.59
CA GLU A 57 5.96 -22.08 -14.73
C GLU A 57 5.71 -20.63 -14.31
N ASN A 58 4.70 -20.40 -13.47
CA ASN A 58 4.41 -19.04 -13.02
C ASN A 58 5.54 -18.48 -12.17
N VAL A 59 6.27 -19.32 -11.45
CA VAL A 59 7.41 -18.85 -10.67
C VAL A 59 8.49 -18.30 -11.60
N GLN A 60 8.80 -19.03 -12.67
CA GLN A 60 9.78 -18.54 -13.64
C GLN A 60 9.28 -17.29 -14.34
N LYS A 61 7.99 -17.26 -14.71
CA LYS A 61 7.43 -16.08 -15.34
C LYS A 61 7.46 -14.88 -14.40
N MET A 62 7.14 -15.10 -13.11
CA MET A 62 7.21 -14.02 -12.14
C MET A 62 8.64 -13.53 -11.95
N ASN A 63 9.59 -14.46 -11.85
CA ASN A 63 10.98 -14.07 -11.64
C ASN A 63 11.56 -13.35 -12.85
N ASP A 64 11.28 -13.85 -14.06
CA ASP A 64 11.77 -13.18 -15.25
C ASP A 64 11.15 -11.81 -15.41
N ALA A 65 9.84 -11.68 -15.15
CA ALA A 65 9.21 -10.37 -15.15
C ALA A 65 9.72 -9.52 -14.00
N GLY A 66 9.90 -10.14 -12.83
CA GLY A 66 10.41 -9.40 -11.68
C GLY A 66 11.84 -8.94 -11.86
N ALA A 67 12.70 -9.82 -12.39
CA ALA A 67 14.10 -9.46 -12.58
C ALA A 67 14.25 -8.39 -13.65
N LYS A 68 13.43 -8.45 -14.71
CA LYS A 68 13.50 -7.43 -15.74
C LYS A 68 13.14 -6.06 -15.18
N TRP A 69 12.10 -6.00 -14.36
CA TRP A 69 11.76 -4.74 -13.68
C TRP A 69 12.84 -4.34 -12.68
N SER A 70 13.37 -5.32 -11.93
CA SER A 70 14.42 -5.02 -10.97
C SER A 70 15.69 -4.54 -11.66
N ALA A 71 16.06 -5.17 -12.77
CA ALA A 71 17.23 -4.73 -13.52
C ALA A 71 17.01 -3.34 -14.12
N PHE A 72 15.79 -3.08 -14.61
CA PHE A 72 15.50 -1.76 -15.18
C PHE A 72 15.58 -0.67 -14.13
N TYR A 73 15.07 -0.94 -12.92
CA TYR A 73 15.08 0.07 -11.87
C TYR A 73 16.49 0.43 -11.45
N GLU A 74 17.37 -0.56 -11.34
CA GLU A 74 18.76 -0.29 -10.97
C GLU A 74 19.47 0.51 -12.06
N GLU A 75 19.18 0.22 -13.32
CA GLU A 75 19.75 1.00 -14.41
C GLU A 75 19.31 2.45 -14.35
N GLN A 76 18.02 2.69 -14.08
CA GLN A 76 17.52 4.06 -13.96
C GLN A 76 18.02 4.73 -12.69
N SER A 77 18.17 3.96 -11.61
CA SER A 77 18.69 4.53 -10.36
C SER A 77 20.12 5.02 -10.55
N LYS A 78 20.94 4.25 -11.27
CA LYS A 78 22.30 4.68 -11.56
C LYS A 78 22.30 5.94 -12.42
N GLN A 79 21.42 6.01 -13.41
CA GLN A 79 21.32 7.23 -14.21
C GLN A 79 20.74 8.38 -13.42
N ALA A 80 19.83 8.10 -12.48
CA ALA A 80 19.24 9.17 -11.67
C ALA A 80 20.27 9.84 -10.78
N LYS A 81 21.28 9.10 -10.34
CA LYS A 81 22.33 9.67 -9.49
C LYS A 81 23.29 10.56 -10.25
N THR A 82 23.17 10.64 -11.57
CA THR A 82 23.98 11.54 -12.38
C THR A 82 23.45 12.97 -12.36
N TYR A 83 22.29 13.20 -11.74
CA TYR A 83 21.73 14.53 -11.64
C TYR A 83 21.92 15.07 -10.24
N PRO A 84 22.34 16.33 -10.10
CA PRO A 84 22.47 16.91 -8.76
C PRO A 84 21.11 17.13 -8.12
N LEU A 85 20.93 16.56 -6.92
CA LEU A 85 19.64 16.66 -6.25
C LEU A 85 19.41 18.05 -5.67
N GLU A 86 20.50 18.73 -5.26
CA GLU A 86 20.34 20.05 -4.66
C GLU A 86 19.87 21.09 -5.67
N GLU A 87 20.12 20.87 -6.96
CA GLU A 87 19.73 21.82 -8.00
C GLU A 87 18.32 21.54 -8.50
N ILE A 88 17.37 21.40 -7.58
CA ILE A 88 15.97 21.18 -7.90
C ILE A 88 15.13 22.07 -7.00
N GLN A 89 14.16 22.77 -7.60
CA GLN A 89 13.29 23.66 -6.84
C GLN A 89 11.86 23.15 -6.71
N ASP A 90 11.44 22.24 -7.58
CA ASP A 90 10.09 21.68 -7.50
C ASP A 90 10.06 20.58 -6.45
N SER A 91 9.14 20.72 -5.48
CA SER A 91 9.05 19.74 -4.42
C SER A 91 8.61 18.37 -4.96
N THR A 92 7.64 18.35 -5.86
CA THR A 92 7.15 17.09 -6.40
C THR A 92 8.23 16.37 -7.19
N VAL A 93 9.00 17.11 -8.00
CA VAL A 93 10.05 16.49 -8.81
C VAL A 93 11.17 15.96 -7.92
N LYS A 94 11.54 16.71 -6.88
CA LYS A 94 12.65 16.30 -6.03
C LYS A 94 12.31 15.03 -5.27
N ARG A 95 11.06 14.88 -4.82
CA ARG A 95 10.67 13.67 -4.11
C ARG A 95 10.74 12.44 -5.02
N GLN A 96 10.46 12.61 -6.31
CA GLN A 96 10.55 11.49 -7.24
C GLN A 96 12.00 11.11 -7.50
N LEU A 97 12.85 12.10 -7.74
CA LEU A 97 14.26 11.81 -8.00
C LEU A 97 14.95 11.26 -6.76
N GLN A 98 14.68 11.84 -5.59
CA GLN A 98 15.31 11.37 -4.36
C GLN A 98 14.91 9.93 -4.06
N ALA A 99 13.65 9.57 -4.32
CA ALA A 99 13.25 8.17 -4.21
C ALA A 99 13.99 7.30 -5.21
N LEU A 100 14.21 7.83 -6.42
CA LEU A 100 14.90 7.06 -7.45
C LEU A 100 16.40 7.01 -7.22
N GLN A 101 16.98 8.05 -6.63
CA GLN A 101 18.42 8.08 -6.37
C GLN A 101 18.83 7.23 -5.19
N HIS A 102 17.97 6.44 -4.56
CA HIS A 102 18.34 5.64 -3.40
C HIS A 102 19.13 4.43 -3.89
N SER A 103 20.46 4.53 -3.84
CA SER A 103 21.30 3.48 -4.40
C SER A 103 21.17 2.17 -3.63
N GLY A 104 21.07 2.24 -2.31
CA GLY A 104 20.97 1.02 -1.52
C GLY A 104 22.29 0.28 -1.45
N SER A 105 22.21 -1.04 -1.58
CA SER A 105 23.40 -1.90 -1.50
C SER A 105 24.27 -1.82 -2.75
N SER A 106 23.91 -1.00 -3.73
CA SER A 106 24.72 -0.89 -4.94
C SER A 106 26.07 -0.24 -4.66
N VAL A 107 26.12 0.66 -3.67
CA VAL A 107 27.36 1.37 -3.37
C VAL A 107 28.44 0.43 -2.85
N LEU A 108 28.06 -0.74 -2.35
CA LEU A 108 29.05 -1.71 -1.89
C LEU A 108 29.84 -2.25 -3.08
N SER A 109 31.04 -2.74 -2.77
CA SER A 109 31.84 -3.41 -3.78
C SER A 109 31.16 -4.71 -4.21
N ALA A 110 31.50 -5.16 -5.43
CA ALA A 110 30.92 -6.39 -5.93
C ALA A 110 31.21 -7.57 -5.02
N ASP A 111 32.36 -7.56 -4.34
CA ASP A 111 32.69 -8.64 -3.41
C ASP A 111 31.78 -8.60 -2.19
N LYS A 112 31.57 -7.41 -1.62
CA LYS A 112 30.74 -7.30 -0.43
C LYS A 112 29.25 -7.39 -0.76
N SER A 113 28.84 -6.85 -1.91
CA SER A 113 27.42 -6.85 -2.28
C SER A 113 26.89 -8.26 -2.42
N GLN A 114 27.66 -9.15 -3.07
CA GLN A 114 27.23 -10.54 -3.16
C GLN A 114 27.33 -11.25 -1.82
N ARG A 115 28.28 -10.84 -0.98
CA ARG A 115 28.37 -11.39 0.37
C ARG A 115 27.17 -10.98 1.21
N LEU A 116 26.74 -9.72 1.09
CA LEU A 116 25.59 -9.26 1.85
C LEU A 116 24.33 -10.04 1.47
N ASN A 117 24.09 -10.20 0.16
CA ASN A 117 22.91 -10.94 -0.28
C ASN A 117 22.99 -12.41 0.13
N THR A 118 24.20 -12.96 0.21
CA THR A 118 24.36 -14.31 0.74
C THR A 118 23.94 -14.37 2.21
N ILE A 119 24.31 -13.33 2.98
CA ILE A 119 23.93 -13.28 4.39
C ILE A 119 22.43 -13.12 4.54
N LEU A 120 21.84 -12.20 3.76
CA LEU A 120 20.40 -11.97 3.87
C LEU A 120 19.60 -13.21 3.50
N ASN A 121 19.99 -13.89 2.42
CA ASN A 121 19.29 -15.10 2.01
C ASN A 121 19.52 -16.24 2.99
N ALA A 122 20.72 -16.31 3.57
CA ALA A 122 20.99 -17.35 4.57
C ALA A 122 20.11 -17.17 5.80
N MET A 123 19.96 -15.92 6.27
CA MET A 123 19.13 -15.67 7.44
C MET A 123 17.66 -15.99 7.16
N SER A 124 17.18 -15.61 5.98
CA SER A 124 15.78 -15.90 5.62
C SER A 124 15.54 -17.40 5.53
N THR A 125 16.49 -18.15 4.97
CA THR A 125 16.34 -19.59 4.91
C THR A 125 16.39 -20.22 6.29
N ILE A 126 17.27 -19.73 7.16
CA ILE A 126 17.33 -20.24 8.52
C ILE A 126 16.02 -19.97 9.25
N TYR A 127 15.49 -18.76 9.11
CA TYR A 127 14.24 -18.41 9.78
C TYR A 127 13.08 -19.25 9.26
N SER A 128 12.99 -19.44 7.94
CA SER A 128 11.87 -20.15 7.35
C SER A 128 12.02 -21.67 7.42
N THR A 129 13.22 -22.18 7.71
CA THR A 129 13.43 -23.61 7.82
C THR A 129 13.90 -24.05 9.20
N GLY A 130 13.92 -23.14 10.18
CA GLY A 130 14.32 -23.52 11.52
C GLY A 130 13.30 -24.42 12.18
N LYS A 131 13.78 -25.33 13.02
CA LYS A 131 12.93 -26.31 13.68
C LYS A 131 13.41 -26.49 15.11
N ALA A 132 12.60 -26.04 16.07
CA ALA A 132 12.86 -26.34 17.47
C ALA A 132 12.33 -27.72 17.82
N CYS A 133 13.08 -28.44 18.64
CA CYS A 133 12.79 -29.83 18.96
C CYS A 133 12.45 -29.98 20.43
N ASN A 134 11.41 -30.75 20.71
CA ASN A 134 11.02 -31.00 22.09
C ASN A 134 12.07 -31.85 22.79
N PRO A 135 12.61 -31.41 23.93
CA PRO A 135 13.58 -32.26 24.64
C PRO A 135 13.02 -33.60 25.09
N ASN A 136 11.75 -33.64 25.52
CA ASN A 136 11.19 -34.90 26.00
C ASN A 136 10.99 -35.89 24.85
N ASN A 137 10.39 -35.45 23.75
CA ASN A 137 10.20 -36.30 22.60
C ASN A 137 11.20 -35.92 21.52
N PRO A 138 12.19 -36.77 21.22
CA PRO A 138 13.28 -36.32 20.32
C PRO A 138 12.81 -35.94 18.93
N GLN A 139 12.11 -36.83 18.24
CA GLN A 139 11.63 -36.54 16.88
C GLN A 139 10.28 -35.82 16.95
N GLU A 140 10.34 -34.62 17.52
CA GLU A 140 9.18 -33.72 17.63
C GLU A 140 9.59 -32.31 17.23
N CYS A 141 10.55 -32.21 16.31
CA CYS A 141 10.99 -30.90 15.84
C CYS A 141 9.89 -30.23 15.04
N LEU A 142 9.60 -28.97 15.36
CA LEU A 142 8.49 -28.24 14.76
C LEU A 142 8.99 -26.94 14.16
N LEU A 143 8.44 -26.59 13.01
CA LEU A 143 8.69 -25.30 12.39
C LEU A 143 7.93 -24.22 13.15
N LEU A 144 8.31 -22.97 12.92
CA LEU A 144 7.64 -21.85 13.59
C LEU A 144 6.17 -21.81 13.21
N GLU A 145 5.87 -21.99 11.93
CA GLU A 145 4.51 -21.98 11.44
C GLU A 145 4.20 -23.32 10.77
N PRO A 146 3.12 -24.01 11.17
CA PRO A 146 2.24 -23.61 12.26
C PRO A 146 2.60 -24.27 13.59
N GLY A 147 3.71 -25.01 13.60
CA GLY A 147 4.08 -25.81 14.76
C GLY A 147 4.28 -25.05 16.04
N LEU A 148 5.29 -24.19 16.09
CA LEU A 148 5.60 -23.46 17.31
C LEU A 148 4.61 -22.33 17.57
N ASP A 149 3.99 -21.78 16.52
CA ASP A 149 2.98 -20.74 16.71
C ASP A 149 1.75 -21.27 17.42
N ASP A 150 1.37 -22.52 17.15
CA ASP A 150 0.24 -23.12 17.86
C ASP A 150 0.56 -23.34 19.33
N ILE A 151 1.79 -23.73 19.64
CA ILE A 151 2.17 -23.94 21.03
C ILE A 151 2.21 -22.63 21.79
N MET A 152 2.73 -21.58 21.16
CA MET A 152 2.90 -20.31 21.85
C MET A 152 1.63 -19.46 21.88
N ALA A 153 0.57 -19.88 21.19
CA ALA A 153 -0.66 -19.11 21.14
C ALA A 153 -1.83 -19.76 21.85
N ASN A 154 -1.77 -21.05 22.14
CA ASN A 154 -2.89 -21.77 22.74
C ASN A 154 -2.52 -22.53 24.00
N SER A 155 -1.28 -22.94 24.19
CA SER A 155 -0.91 -23.74 25.34
C SER A 155 -0.83 -22.88 26.59
N ARG A 156 -1.21 -23.49 27.72
CA ARG A 156 -1.14 -22.84 29.02
C ARG A 156 -0.19 -23.57 29.96
N ASP A 157 0.67 -24.42 29.43
CA ASP A 157 1.65 -25.14 30.22
C ASP A 157 2.96 -24.34 30.26
N TYR A 158 3.51 -24.16 31.45
CA TYR A 158 4.75 -23.40 31.59
C TYR A 158 5.89 -24.08 30.85
N ASN A 159 6.05 -25.39 31.04
CA ASN A 159 7.16 -26.10 30.43
C ASN A 159 7.00 -26.20 28.92
N GLU A 160 5.77 -26.43 28.45
CA GLU A 160 5.55 -26.55 27.01
C GLU A 160 5.85 -25.25 26.29
N ARG A 161 5.43 -24.12 26.85
CA ARG A 161 5.77 -22.83 26.25
C ARG A 161 7.25 -22.51 26.44
N LEU A 162 7.91 -23.16 27.38
CA LEU A 162 9.31 -22.84 27.67
C LEU A 162 10.24 -23.43 26.61
N TRP A 163 10.14 -24.74 26.37
CA TRP A 163 11.04 -25.36 25.39
C TRP A 163 10.77 -24.83 23.98
N ALA A 164 9.51 -24.53 23.65
CA ALA A 164 9.22 -23.91 22.37
C ALA A 164 9.84 -22.53 22.27
N TRP A 165 9.79 -21.76 23.36
CA TRP A 165 10.41 -20.43 23.36
C TRP A 165 11.93 -20.52 23.35
N GLU A 166 12.49 -21.38 24.21
CA GLU A 166 13.94 -21.51 24.26
C GLU A 166 14.48 -22.27 23.06
N GLY A 167 13.74 -23.29 22.59
CA GLY A 167 14.19 -24.04 21.43
C GLY A 167 14.29 -23.19 20.18
N TRP A 168 13.35 -22.27 20.00
CA TRP A 168 13.38 -21.40 18.82
C TRP A 168 14.57 -20.46 18.84
N ARG A 169 15.06 -20.10 20.03
CA ARG A 169 16.18 -19.18 20.12
C ARG A 169 17.52 -19.90 20.21
N SER A 170 17.55 -21.09 20.81
CA SER A 170 18.78 -21.88 20.82
C SER A 170 19.06 -22.46 19.44
N GLU A 171 18.05 -23.03 18.79
CA GLU A 171 18.26 -23.67 17.50
C GLU A 171 18.44 -22.66 16.38
N VAL A 172 17.63 -21.60 16.37
CA VAL A 172 17.64 -20.66 15.26
C VAL A 172 18.39 -19.36 15.60
N GLY A 173 18.22 -18.83 16.80
CA GLY A 173 18.90 -17.58 17.14
C GLY A 173 20.42 -17.71 17.13
N LYS A 174 20.92 -18.84 17.63
CA LYS A 174 22.36 -19.07 17.61
C LYS A 174 22.91 -19.26 16.20
N GLN A 175 22.10 -19.75 15.27
CA GLN A 175 22.51 -19.84 13.87
C GLN A 175 22.47 -18.50 13.16
N LEU A 176 21.79 -17.50 13.74
CA LEU A 176 21.71 -16.18 13.15
C LEU A 176 22.65 -15.18 13.81
N ARG A 177 23.21 -15.50 14.97
CA ARG A 177 24.13 -14.58 15.64
C ARG A 177 25.39 -14.32 14.82
N PRO A 178 26.13 -15.34 14.33
CA PRO A 178 27.29 -15.02 13.48
C PRO A 178 26.91 -14.30 12.19
N LEU A 179 25.75 -14.62 11.62
CA LEU A 179 25.31 -13.94 10.42
C LEU A 179 24.91 -12.50 10.72
N TYR A 180 24.28 -12.26 11.87
CA TYR A 180 23.80 -10.91 12.18
C TYR A 180 24.97 -9.96 12.44
N GLU A 181 26.05 -10.45 13.04
CA GLU A 181 27.21 -9.60 13.26
C GLU A 181 27.83 -9.15 11.94
N GLU A 182 27.94 -10.06 10.97
CA GLU A 182 28.37 -9.66 9.63
C GLU A 182 27.30 -8.85 8.92
N TYR A 183 26.04 -9.14 9.21
CA TYR A 183 24.94 -8.35 8.65
C TYR A 183 25.03 -6.89 9.12
N VAL A 184 25.29 -6.68 10.41
CA VAL A 184 25.37 -5.32 10.94
C VAL A 184 26.53 -4.57 10.31
N ALA A 185 27.69 -5.23 10.18
CA ALA A 185 28.87 -4.56 9.64
C ALA A 185 28.67 -4.15 8.18
N LEU A 186 28.06 -5.02 7.38
CA LEU A 186 27.88 -4.71 5.96
C LEU A 186 26.79 -3.65 5.77
N LYS A 187 25.68 -3.76 6.50
CA LYS A 187 24.62 -2.79 6.37
C LYS A 187 25.03 -1.41 6.89
N ASN A 188 25.92 -1.37 7.88
CA ASN A 188 26.47 -0.09 8.32
C ASN A 188 27.42 0.47 7.28
N GLU A 189 28.24 -0.38 6.66
CA GLU A 189 29.12 0.07 5.58
C GLU A 189 28.30 0.55 4.39
N MET A 190 27.22 -0.16 4.06
CA MET A 190 26.33 0.29 3.00
C MET A 190 25.71 1.63 3.34
N ALA A 191 25.24 1.77 4.59
CA ALA A 191 24.60 3.02 5.00
C ALA A 191 25.60 4.17 5.08
N ARG A 192 26.81 3.90 5.60
CA ARG A 192 27.82 4.95 5.66
C ARG A 192 28.31 5.35 4.29
N ALA A 193 28.19 4.44 3.30
CA ALA A 193 28.48 4.81 1.92
C ALA A 193 27.42 5.76 1.38
N ASN A 194 26.17 5.58 1.81
CA ASN A 194 25.07 6.45 1.44
C ASN A 194 25.02 7.74 2.26
N ASN A 195 26.11 8.07 2.96
CA ASN A 195 26.19 9.26 3.81
C ASN A 195 25.18 9.21 4.93
N TYR A 196 25.04 8.06 5.56
CA TYR A 196 24.23 7.87 6.76
C TYR A 196 25.13 7.53 7.94
N GLU A 197 24.69 7.88 9.14
CA GLU A 197 25.47 7.59 10.34
C GLU A 197 25.65 6.09 10.53
N ASP A 198 24.57 5.33 10.37
CA ASP A 198 24.60 3.88 10.51
C ASP A 198 23.40 3.32 9.75
N TYR A 199 23.17 2.01 9.89
CA TYR A 199 22.03 1.41 9.21
C TYR A 199 20.71 1.78 9.87
N GLY A 200 20.72 1.99 11.19
CA GLY A 200 19.51 2.45 11.86
C GLY A 200 19.11 3.84 11.41
N ASP A 201 20.09 4.72 11.21
CA ASP A 201 19.81 6.04 10.65
C ASP A 201 19.26 5.92 9.24
N TYR A 202 19.71 4.93 8.49
CA TYR A 202 19.16 4.67 7.15
C TYR A 202 17.69 4.31 7.23
N TRP A 203 17.30 3.49 8.21
CA TRP A 203 15.91 3.10 8.36
C TRP A 203 15.04 4.26 8.82
N ARG A 204 15.58 5.13 9.68
CA ARG A 204 14.81 6.29 10.14
C ARG A 204 14.61 7.32 9.04
N GLY A 205 15.28 7.18 7.90
CA GLY A 205 15.06 8.07 6.79
C GLY A 205 13.70 7.95 6.14
N ASP A 206 12.95 6.89 6.47
CA ASP A 206 11.59 6.77 5.97
C ASP A 206 10.70 7.89 6.47
N TYR A 207 11.00 8.43 7.65
CA TYR A 207 10.22 9.50 8.25
C TYR A 207 10.84 10.87 8.06
N GLU A 208 12.01 10.96 7.44
CA GLU A 208 12.69 12.23 7.31
C GLU A 208 12.05 13.08 6.21
N GLU A 209 11.80 14.34 6.53
CA GLU A 209 11.29 15.32 5.57
C GLU A 209 12.14 16.58 5.71
N GLU A 210 12.75 17.02 4.61
CA GLU A 210 13.77 18.05 4.70
C GLU A 210 13.55 19.24 3.78
N TRP A 211 12.49 19.27 2.98
CA TRP A 211 12.33 20.32 1.99
C TRP A 211 11.07 21.16 2.14
N THR A 212 10.12 20.76 2.97
CA THR A 212 8.88 21.52 3.16
C THR A 212 9.00 22.29 4.47
N ASN A 213 9.31 23.58 4.37
CA ASN A 213 9.52 24.40 5.55
C ASN A 213 8.24 24.48 6.38
N GLY A 214 8.39 24.35 7.69
CA GLY A 214 7.26 24.29 8.59
C GLY A 214 6.73 22.91 8.85
N TYR A 215 7.19 21.90 8.10
CA TYR A 215 6.78 20.52 8.28
C TYR A 215 7.97 19.57 8.21
N ASN A 216 9.18 20.10 8.35
CA ASN A 216 10.38 19.29 8.27
C ASN A 216 10.44 18.29 9.42
N TYR A 217 10.90 17.09 9.13
CA TYR A 217 11.09 16.05 10.12
C TYR A 217 12.50 15.49 9.99
N SER A 218 13.11 15.16 11.12
CA SER A 218 14.48 14.70 11.17
C SER A 218 14.55 13.24 11.55
N ARG A 219 15.63 12.59 11.12
CA ARG A 219 15.86 11.20 11.52
C ARG A 219 16.14 11.11 13.02
N ASP A 220 16.86 12.08 13.58
CA ASP A 220 17.05 12.13 15.02
C ASP A 220 15.75 12.46 15.74
N GLN A 221 14.91 13.31 15.13
CA GLN A 221 13.65 13.69 15.75
C GLN A 221 12.70 12.51 15.93
N LEU A 222 12.87 11.44 15.13
CA LEU A 222 12.04 10.26 15.30
C LEU A 222 12.29 9.61 16.65
N ILE A 223 13.56 9.53 17.08
CA ILE A 223 13.87 8.96 18.38
C ILE A 223 13.26 9.79 19.49
N LYS A 224 13.38 11.12 19.40
CA LYS A 224 12.84 11.99 20.43
C LYS A 224 11.32 12.00 20.46
N ASP A 225 10.66 11.65 19.35
CA ASP A 225 9.21 11.61 19.32
C ASP A 225 8.66 10.24 19.68
N VAL A 226 9.34 9.16 19.29
CA VAL A 226 8.92 7.84 19.71
C VAL A 226 9.14 7.67 21.21
N GLU A 227 10.20 8.27 21.75
CA GLU A 227 10.42 8.20 23.20
C GLU A 227 9.39 9.01 23.96
N GLN A 228 9.01 10.19 23.44
CA GLN A 228 8.02 11.01 24.12
C GLN A 228 6.68 10.31 24.22
N THR A 229 6.23 9.66 23.13
CA THR A 229 4.96 8.96 23.17
C THR A 229 5.04 7.73 24.06
N PHE A 230 6.20 7.11 24.17
CA PHE A 230 6.34 5.92 25.00
C PHE A 230 6.25 6.24 26.49
N THR A 231 6.73 7.42 26.89
CA THR A 231 6.61 7.84 28.28
C THR A 231 5.19 8.20 28.67
N GLN A 232 4.29 8.38 27.71
CA GLN A 232 2.90 8.69 27.99
C GLN A 232 2.02 7.44 28.04
N ILE A 233 2.43 6.37 27.35
CA ILE A 233 1.67 5.13 27.39
C ILE A 233 2.10 4.22 28.54
N GLN A 234 3.15 4.57 29.27
CA GLN A 234 3.58 3.73 30.39
C GLN A 234 2.52 3.59 31.48
N PRO A 235 1.88 4.65 31.98
CA PRO A 235 0.83 4.44 32.99
C PRO A 235 -0.31 3.56 32.49
N LEU A 236 -0.72 3.72 31.23
CA LEU A 236 -1.71 2.82 30.67
C LEU A 236 -1.17 1.40 30.56
N TYR A 237 0.08 1.27 30.11
CA TYR A 237 0.70 -0.05 30.01
C TYR A 237 0.99 -0.64 31.37
N GLU A 238 1.31 0.20 32.36
CA GLU A 238 1.59 -0.32 33.70
C GLU A 238 0.40 -1.04 34.29
N HIS A 239 -0.79 -0.45 34.17
CA HIS A 239 -2.00 -1.09 34.70
C HIS A 239 -2.42 -2.27 33.85
N LEU A 240 -2.27 -2.16 32.53
CA LEU A 240 -2.49 -3.32 31.67
C LEU A 240 -1.50 -4.43 31.98
N HIS A 241 -0.23 -4.08 32.20
CA HIS A 241 0.77 -5.05 32.61
C HIS A 241 0.42 -5.63 33.97
N ALA A 242 -0.04 -4.79 34.90
CA ALA A 242 -0.36 -5.27 36.25
C ALA A 242 -1.61 -6.15 36.24
N TYR A 243 -2.64 -5.74 35.51
CA TYR A 243 -3.87 -6.53 35.46
C TYR A 243 -3.63 -7.88 34.81
N VAL A 244 -2.87 -7.90 33.71
CA VAL A 244 -2.51 -9.17 33.08
C VAL A 244 -1.68 -10.03 34.03
N ARG A 245 -0.72 -9.41 34.72
CA ARG A 245 0.11 -10.15 35.67
C ARG A 245 -0.72 -10.74 36.79
N ALA A 246 -1.66 -9.97 37.34
CA ALA A 246 -2.52 -10.48 38.40
C ALA A 246 -3.39 -11.62 37.92
N LYS A 247 -3.92 -11.53 36.70
CA LYS A 247 -4.70 -12.63 36.14
C LYS A 247 -3.81 -13.82 35.80
N LEU A 248 -2.60 -13.56 35.30
CA LEU A 248 -1.67 -14.65 35.01
C LEU A 248 -1.19 -15.34 36.28
N MET A 249 -1.30 -14.69 37.44
CA MET A 249 -0.96 -15.37 38.69
C MET A 249 -1.89 -16.54 38.93
N ASP A 250 -3.17 -16.41 38.57
CA ASP A 250 -4.10 -17.52 38.71
C ASP A 250 -3.72 -18.70 37.81
N THR A 251 -3.33 -18.41 36.57
CA THR A 251 -2.93 -19.48 35.66
C THR A 251 -1.56 -20.04 36.04
N TYR A 252 -0.65 -19.17 36.47
CA TYR A 252 0.71 -19.56 36.85
C TYR A 252 0.94 -19.09 38.29
N PRO A 253 0.49 -19.88 39.28
CA PRO A 253 0.76 -19.50 40.67
C PRO A 253 2.24 -19.43 40.99
N SER A 254 2.99 -20.48 40.64
CA SER A 254 4.44 -20.44 40.74
C SER A 254 5.03 -19.79 39.50
N HIS A 255 6.36 -19.66 39.49
CA HIS A 255 7.13 -19.13 38.37
C HIS A 255 6.81 -17.68 38.04
N MET A 256 6.07 -16.98 38.89
CA MET A 256 5.76 -15.58 38.68
C MET A 256 5.81 -14.85 40.01
N SER A 257 5.92 -13.53 39.93
CA SER A 257 6.02 -12.68 41.12
C SER A 257 5.00 -11.56 41.01
N PRO A 258 4.21 -11.30 42.04
CA PRO A 258 3.21 -10.22 41.96
C PRO A 258 3.82 -8.85 41.76
N THR A 259 5.09 -8.66 42.09
CA THR A 259 5.77 -7.40 41.87
C THR A 259 6.81 -7.45 40.76
N GLY A 260 7.08 -8.61 40.20
CA GLY A 260 8.11 -8.79 39.21
C GLY A 260 7.66 -8.48 37.80
N CYS A 261 8.41 -9.01 36.84
CA CYS A 261 8.11 -8.84 35.43
C CYS A 261 7.28 -10.02 34.92
N LEU A 262 6.96 -9.99 33.63
CA LEU A 262 6.23 -11.05 32.99
C LEU A 262 7.18 -11.95 32.22
N PRO A 263 7.22 -13.26 32.47
CA PRO A 263 8.10 -14.14 31.70
C PRO A 263 7.79 -14.06 30.22
N ALA A 264 8.84 -14.11 29.40
CA ALA A 264 8.71 -13.85 27.98
C ALA A 264 7.89 -14.90 27.26
N HIS A 265 8.01 -16.17 27.67
CA HIS A 265 7.29 -17.23 26.98
C HIS A 265 5.80 -17.23 27.31
N LEU A 266 5.44 -16.70 28.49
CA LEU A 266 4.06 -16.73 28.93
C LEU A 266 3.17 -15.71 28.22
N LEU A 267 3.74 -14.84 27.40
CA LEU A 267 2.97 -13.82 26.71
C LEU A 267 2.14 -14.44 25.59
N GLY A 268 1.52 -13.58 24.79
CA GLY A 268 0.55 -14.05 23.81
C GLY A 268 1.13 -14.97 22.75
N ASP A 269 2.32 -14.65 22.25
CA ASP A 269 2.93 -15.40 21.16
C ASP A 269 4.39 -15.72 21.50
N MET A 270 5.13 -16.16 20.47
CA MET A 270 6.50 -16.60 20.66
C MET A 270 7.39 -15.47 21.19
N TRP A 271 7.24 -14.27 20.64
CA TRP A 271 8.08 -13.15 21.04
C TRP A 271 7.42 -12.22 22.04
N GLY A 272 6.11 -12.34 22.24
CA GLY A 272 5.38 -11.36 23.03
C GLY A 272 4.98 -10.13 22.26
N ARG A 273 5.02 -10.18 20.92
CA ARG A 273 4.70 -9.02 20.11
C ARG A 273 3.26 -8.57 20.33
N PHE A 274 2.33 -9.52 20.44
CA PHE A 274 0.94 -9.22 20.70
C PHE A 274 0.47 -10.01 21.92
N TRP A 275 -0.36 -9.39 22.74
CA TRP A 275 -0.99 -10.04 23.87
C TRP A 275 -2.40 -10.53 23.56
N THR A 276 -2.76 -10.58 22.27
CA THR A 276 -4.13 -10.91 21.89
C THR A 276 -4.54 -12.30 22.34
N ASN A 277 -3.58 -13.22 22.44
CA ASN A 277 -3.88 -14.60 22.82
C ASN A 277 -3.98 -14.78 24.33
N LEU A 278 -3.87 -13.70 25.10
CA LEU A 278 -4.08 -13.73 26.54
C LEU A 278 -5.48 -13.31 26.93
N TYR A 279 -6.36 -13.05 25.95
CA TYR A 279 -7.73 -12.66 26.26
C TYR A 279 -8.49 -13.74 27.02
N PRO A 280 -8.47 -15.02 26.64
CA PRO A 280 -9.19 -16.02 27.44
C PRO A 280 -8.73 -16.11 28.88
N LEU A 281 -7.42 -15.95 29.12
CA LEU A 281 -6.91 -16.05 30.48
C LEU A 281 -7.20 -14.82 31.31
N THR A 282 -7.30 -13.65 30.68
CA THR A 282 -7.35 -12.38 31.39
C THR A 282 -8.63 -11.59 31.09
N VAL A 283 -9.66 -12.24 30.58
CA VAL A 283 -10.87 -11.52 30.17
C VAL A 283 -11.53 -10.87 31.38
N PRO A 284 -11.91 -9.59 31.31
CA PRO A 284 -12.55 -8.94 32.47
C PRO A 284 -13.81 -9.64 32.93
N PHE A 285 -14.78 -9.77 32.03
CA PHE A 285 -16.06 -10.42 32.32
C PHE A 285 -16.19 -11.60 31.36
N GLY A 286 -15.81 -12.79 31.83
CA GLY A 286 -15.82 -13.97 30.98
C GLY A 286 -17.21 -14.51 30.71
N GLN A 287 -18.19 -14.19 31.54
CA GLN A 287 -19.54 -14.71 31.35
C GLN A 287 -20.28 -14.02 30.22
N LYS A 288 -19.87 -12.82 29.83
CA LYS A 288 -20.56 -12.08 28.77
C LYS A 288 -19.71 -12.06 27.51
N PRO A 289 -20.11 -12.76 26.46
CA PRO A 289 -19.27 -12.87 25.27
C PRO A 289 -19.25 -11.59 24.44
N ASN A 290 -18.25 -11.50 23.58
CA ASN A 290 -18.12 -10.37 22.68
C ASN A 290 -19.15 -10.47 21.56
N ILE A 291 -19.32 -9.36 20.83
CA ILE A 291 -20.27 -9.31 19.73
C ILE A 291 -19.72 -10.15 18.58
N ASP A 292 -20.49 -11.16 18.17
CA ASP A 292 -20.10 -12.05 17.08
C ASP A 292 -21.30 -12.17 16.13
N VAL A 293 -21.16 -11.61 14.93
CA VAL A 293 -22.24 -11.60 13.95
C VAL A 293 -22.08 -12.70 12.91
N THR A 294 -21.19 -13.67 13.15
CA THR A 294 -20.97 -14.74 12.18
C THR A 294 -22.23 -15.57 11.97
N ASP A 295 -22.92 -15.90 13.05
CA ASP A 295 -24.12 -16.73 12.94
C ASP A 295 -25.23 -16.00 12.18
N THR A 296 -25.41 -14.71 12.44
CA THR A 296 -26.46 -13.96 11.76
C THR A 296 -26.18 -13.83 10.27
N MET A 297 -24.92 -13.66 9.89
CA MET A 297 -24.58 -13.53 8.47
C MET A 297 -24.95 -14.78 7.69
N VAL A 298 -24.64 -15.96 8.23
CA VAL A 298 -24.99 -17.18 7.52
C VAL A 298 -26.51 -17.39 7.52
N ASN A 299 -27.21 -16.90 8.54
CA ASN A 299 -28.66 -17.02 8.58
C ASN A 299 -29.36 -16.01 7.68
N GLN A 300 -28.65 -14.97 7.25
CA GLN A 300 -29.21 -13.99 6.32
C GLN A 300 -28.73 -14.22 4.89
N SER A 301 -28.13 -15.38 4.61
CA SER A 301 -27.67 -15.76 3.27
C SER A 301 -26.62 -14.77 2.76
N TRP A 302 -25.51 -14.70 3.49
CA TRP A 302 -24.38 -13.86 3.13
C TRP A 302 -23.31 -14.70 2.45
N ASP A 303 -22.78 -14.19 1.35
CA ASP A 303 -21.68 -14.81 0.61
C ASP A 303 -20.52 -13.82 0.52
N ALA A 304 -19.41 -14.28 -0.06
CA ALA A 304 -18.24 -13.43 -0.19
C ALA A 304 -18.53 -12.19 -1.01
N ARG A 305 -19.43 -12.29 -2.01
CA ARG A 305 -19.80 -11.13 -2.79
C ARG A 305 -20.48 -10.07 -1.92
N ARG A 306 -21.40 -10.50 -1.05
CA ARG A 306 -22.13 -9.56 -0.22
C ARG A 306 -21.24 -8.93 0.84
N ILE A 307 -20.26 -9.68 1.36
CA ILE A 307 -19.34 -9.11 2.34
C ILE A 307 -18.59 -7.93 1.74
N PHE A 308 -18.07 -8.09 0.53
CA PHE A 308 -17.41 -6.99 -0.15
C PHE A 308 -18.41 -5.98 -0.70
N GLU A 309 -19.65 -6.38 -0.96
CA GLU A 309 -20.67 -5.40 -1.33
C GLU A 309 -21.06 -4.54 -0.14
N GLU A 310 -21.23 -5.14 1.04
CA GLU A 310 -21.50 -4.34 2.24
C GLU A 310 -20.28 -3.54 2.64
N ALA A 311 -19.08 -4.09 2.46
CA ALA A 311 -17.87 -3.31 2.68
C ALA A 311 -17.81 -2.12 1.72
N GLU A 312 -18.19 -2.35 0.45
CA GLU A 312 -18.24 -1.25 -0.51
C GLU A 312 -19.27 -0.21 -0.10
N LYS A 313 -20.41 -0.65 0.43
CA LYS A 313 -21.43 0.29 0.90
C LYS A 313 -20.92 1.15 2.04
N PHE A 314 -20.01 0.60 2.86
CA PHE A 314 -19.42 1.39 3.94
C PHE A 314 -18.65 2.58 3.39
N PHE A 315 -17.84 2.36 2.37
CA PHE A 315 -17.03 3.44 1.80
C PHE A 315 -17.88 4.40 0.98
N VAL A 316 -18.96 3.91 0.38
CA VAL A 316 -19.86 4.80 -0.36
C VAL A 316 -20.59 5.73 0.60
N SER A 317 -20.95 5.22 1.79
CA SER A 317 -21.66 6.04 2.76
C SER A 317 -20.81 7.22 3.22
N VAL A 318 -19.52 6.99 3.44
CA VAL A 318 -18.63 8.08 3.83
C VAL A 318 -18.16 8.92 2.66
N GLY A 319 -18.59 8.59 1.44
CA GLY A 319 -18.26 9.38 0.28
C GLY A 319 -17.09 8.89 -0.54
N LEU A 320 -16.53 7.73 -0.24
CA LEU A 320 -15.44 7.20 -1.04
C LEU A 320 -15.98 6.53 -2.30
N PRO A 321 -15.17 6.48 -3.37
CA PRO A 321 -15.66 5.93 -4.64
C PRO A 321 -15.93 4.43 -4.55
N ASN A 322 -16.82 3.98 -5.43
CA ASN A 322 -17.15 2.57 -5.52
C ASN A 322 -15.97 1.76 -6.05
N MET A 323 -16.03 0.46 -5.83
CA MET A 323 -15.06 -0.44 -6.45
C MET A 323 -15.25 -0.47 -7.96
N THR A 324 -14.14 -0.46 -8.69
CA THR A 324 -14.21 -0.45 -10.14
C THR A 324 -14.76 -1.76 -10.67
N GLN A 325 -15.22 -1.72 -11.93
CA GLN A 325 -15.73 -2.94 -12.54
C GLN A 325 -14.64 -3.98 -12.72
N GLY A 326 -13.41 -3.55 -13.04
CA GLY A 326 -12.31 -4.49 -13.11
C GLY A 326 -12.00 -5.14 -11.77
N PHE A 327 -12.32 -4.45 -10.67
CA PHE A 327 -12.12 -5.04 -9.36
C PHE A 327 -12.96 -6.30 -9.18
N TRP A 328 -14.21 -6.27 -9.59
CA TRP A 328 -15.08 -7.43 -9.41
C TRP A 328 -14.74 -8.55 -10.39
N GLU A 329 -14.29 -8.21 -11.59
CA GLU A 329 -13.99 -9.22 -12.60
C GLU A 329 -12.66 -9.93 -12.34
N ASN A 330 -11.69 -9.22 -11.78
CA ASN A 330 -10.32 -9.72 -11.69
C ASN A 330 -9.92 -10.18 -10.29
N SER A 331 -10.53 -9.63 -9.24
CA SER A 331 -10.12 -9.98 -7.89
C SER A 331 -10.50 -11.42 -7.56
N MET A 332 -9.68 -12.06 -6.73
CA MET A 332 -9.97 -13.39 -6.23
C MET A 332 -10.57 -13.28 -4.83
N LEU A 333 -11.84 -12.84 -4.80
CA LEU A 333 -12.51 -12.60 -3.54
C LEU A 333 -12.85 -13.87 -2.78
N THR A 334 -12.69 -15.04 -3.40
CA THR A 334 -12.93 -16.30 -2.71
C THR A 334 -11.99 -17.35 -3.29
N GLU A 335 -11.73 -18.38 -2.48
CA GLU A 335 -10.84 -19.45 -2.92
C GLU A 335 -11.48 -20.21 -4.09
N PRO A 336 -10.78 -20.37 -5.20
CA PRO A 336 -11.39 -21.00 -6.38
C PRO A 336 -11.76 -22.45 -6.12
N GLY A 337 -12.84 -22.89 -6.77
CA GLY A 337 -13.21 -24.28 -6.73
C GLY A 337 -12.34 -25.17 -7.59
N ASP A 338 -11.53 -24.56 -8.46
CA ASP A 338 -10.60 -25.32 -9.30
C ASP A 338 -9.47 -25.88 -8.45
N SER A 339 -8.61 -26.67 -9.10
CA SER A 339 -7.50 -27.32 -8.41
C SER A 339 -6.28 -26.42 -8.27
N ARG A 340 -6.33 -25.19 -8.76
CA ARG A 340 -5.18 -24.30 -8.65
C ARG A 340 -4.91 -23.95 -7.21
N LYS A 341 -3.63 -23.93 -6.84
CA LYS A 341 -3.21 -23.63 -5.48
C LYS A 341 -3.03 -22.13 -5.30
N VAL A 342 -3.59 -21.59 -4.23
CA VAL A 342 -3.52 -20.17 -3.93
C VAL A 342 -3.16 -20.00 -2.46
N VAL A 343 -2.12 -19.22 -2.20
CA VAL A 343 -1.88 -18.72 -0.85
C VAL A 343 -2.68 -17.43 -0.70
N CYS A 344 -3.63 -17.43 0.24
CA CYS A 344 -4.62 -16.36 0.28
C CYS A 344 -4.56 -15.56 1.57
N HIS A 345 -3.35 -15.18 1.97
CA HIS A 345 -3.20 -14.17 3.00
C HIS A 345 -3.86 -12.89 2.51
N PRO A 346 -4.74 -12.26 3.29
CA PRO A 346 -5.48 -11.09 2.79
C PRO A 346 -4.57 -9.95 2.37
N THR A 347 -4.57 -9.65 1.07
CA THR A 347 -3.74 -8.59 0.52
C THR A 347 -4.55 -7.79 -0.49
N ALA A 348 -4.25 -6.49 -0.57
CA ALA A 348 -4.82 -5.60 -1.57
C ALA A 348 -3.74 -5.27 -2.59
N TRP A 349 -4.07 -5.44 -3.87
CA TRP A 349 -3.10 -5.35 -4.94
C TRP A 349 -3.33 -4.09 -5.75
N ASP A 350 -2.30 -3.25 -5.84
CA ASP A 350 -2.25 -2.13 -6.78
C ASP A 350 -1.26 -2.53 -7.88
N LEU A 351 -1.76 -3.27 -8.87
CA LEU A 351 -0.89 -3.78 -9.92
C LEU A 351 -0.33 -2.64 -10.78
N GLY A 352 -1.17 -1.65 -11.07
CA GLY A 352 -0.80 -0.60 -12.00
C GLY A 352 -1.83 -0.48 -13.09
N LYS A 353 -1.81 0.62 -13.84
CA LYS A 353 -2.82 0.90 -14.87
C LYS A 353 -4.23 0.93 -14.30
N HIS A 354 -4.38 1.39 -13.05
CA HIS A 354 -5.66 1.41 -12.34
C HIS A 354 -6.26 0.01 -12.22
N ASP A 355 -5.42 -1.00 -12.04
CA ASP A 355 -5.88 -2.37 -11.83
C ASP A 355 -5.76 -2.69 -10.35
N PHE A 356 -6.89 -2.60 -9.64
CA PHE A 356 -6.94 -2.84 -8.21
C PHE A 356 -7.68 -4.14 -7.95
N ARG A 357 -7.04 -5.05 -7.22
CA ARG A 357 -7.61 -6.35 -6.94
C ARG A 357 -7.39 -6.71 -5.48
N ILE A 358 -8.25 -7.59 -4.98
CA ILE A 358 -8.12 -8.16 -3.64
C ILE A 358 -8.20 -9.67 -3.78
N LYS A 359 -7.22 -10.37 -3.22
CA LYS A 359 -7.24 -11.82 -3.13
C LYS A 359 -7.42 -12.22 -1.68
N MET A 360 -8.42 -13.06 -1.41
CA MET A 360 -8.75 -13.42 -0.03
C MET A 360 -9.62 -14.67 -0.05
N CYS A 361 -9.30 -15.61 0.83
CA CYS A 361 -10.16 -16.78 1.06
C CYS A 361 -11.29 -16.33 2.00
N THR A 362 -12.26 -15.63 1.43
CA THR A 362 -13.31 -15.00 2.22
C THR A 362 -14.32 -16.06 2.64
N LYS A 363 -14.37 -16.35 3.93
CA LYS A 363 -15.42 -17.16 4.53
C LYS A 363 -16.50 -16.24 5.10
N VAL A 364 -17.63 -16.83 5.45
CA VAL A 364 -18.74 -16.06 6.02
C VAL A 364 -18.49 -16.04 7.53
N THR A 365 -17.64 -15.11 7.95
CA THR A 365 -17.28 -14.93 9.36
C THR A 365 -17.16 -13.45 9.63
N MET A 366 -17.23 -13.09 10.92
CA MET A 366 -17.09 -11.69 11.30
C MET A 366 -15.68 -11.18 11.03
N ASP A 367 -14.67 -12.01 11.26
CA ASP A 367 -13.30 -11.60 11.02
C ASP A 367 -13.05 -11.31 9.55
N ASP A 368 -13.57 -12.15 8.66
CA ASP A 368 -13.46 -11.86 7.23
C ASP A 368 -14.26 -10.63 6.84
N PHE A 369 -15.39 -10.38 7.52
CA PHE A 369 -16.14 -9.16 7.29
C PHE A 369 -15.32 -7.93 7.66
N LEU A 370 -14.60 -7.99 8.78
CA LEU A 370 -13.82 -6.84 9.23
C LEU A 370 -12.59 -6.62 8.35
N THR A 371 -11.86 -7.69 8.03
CA THR A 371 -10.68 -7.52 7.19
C THR A 371 -11.03 -7.16 5.75
N ALA A 372 -12.26 -7.40 5.33
CA ALA A 372 -12.71 -6.93 4.02
C ALA A 372 -12.72 -5.41 3.99
N HIS A 373 -13.16 -4.77 5.08
CA HIS A 373 -13.07 -3.32 5.18
C HIS A 373 -11.62 -2.86 5.31
N HIS A 374 -10.77 -3.66 5.96
CA HIS A 374 -9.37 -3.31 6.07
C HIS A 374 -8.68 -3.35 4.72
N GLU A 375 -8.84 -4.45 3.98
CA GLU A 375 -8.19 -4.56 2.68
C GLU A 375 -8.78 -3.59 1.67
N MET A 376 -10.10 -3.40 1.70
CA MET A 376 -10.70 -2.39 0.83
C MET A 376 -10.27 -0.99 1.23
N GLY A 377 -9.90 -0.79 2.50
CA GLY A 377 -9.30 0.46 2.90
C GLY A 377 -7.95 0.68 2.24
N HIS A 378 -7.17 -0.39 2.07
CA HIS A 378 -5.95 -0.30 1.29
C HIS A 378 -6.25 0.05 -0.16
N ILE A 379 -7.27 -0.59 -0.75
CA ILE A 379 -7.64 -0.34 -2.14
C ILE A 379 -8.11 1.10 -2.29
N GLN A 380 -8.92 1.58 -1.37
CA GLN A 380 -9.37 2.97 -1.43
C GLN A 380 -8.20 3.94 -1.33
N TYR A 381 -7.18 3.58 -0.54
CA TYR A 381 -5.96 4.37 -0.53
C TYR A 381 -5.25 4.30 -1.88
N ASP A 382 -5.16 3.10 -2.46
CA ASP A 382 -4.51 2.94 -3.76
C ASP A 382 -5.26 3.71 -4.85
N MET A 383 -6.59 3.66 -4.84
CA MET A 383 -7.37 4.39 -5.83
C MET A 383 -7.17 5.89 -5.70
N ALA A 384 -6.93 6.39 -4.48
CA ALA A 384 -6.88 7.83 -4.26
C ALA A 384 -5.61 8.43 -4.87
N TYR A 385 -4.45 7.82 -4.63
CA TYR A 385 -3.21 8.34 -5.17
C TYR A 385 -2.84 7.72 -6.51
N ALA A 386 -3.80 7.07 -7.18
CA ALA A 386 -3.54 6.55 -8.52
C ALA A 386 -3.24 7.66 -9.52
N ALA A 387 -3.67 8.88 -9.23
CA ALA A 387 -3.35 10.03 -10.08
C ALA A 387 -1.97 10.61 -9.80
N GLN A 388 -1.31 10.15 -8.73
CA GLN A 388 0.05 10.58 -8.45
C GLN A 388 1.02 9.96 -9.44
N PRO A 389 2.18 10.59 -9.65
CA PRO A 389 3.22 9.96 -10.46
C PRO A 389 3.60 8.59 -9.92
N PHE A 390 4.28 7.80 -10.76
CA PHE A 390 4.55 6.41 -10.43
C PHE A 390 5.38 6.29 -9.15
N LEU A 391 6.37 7.17 -8.97
CA LEU A 391 7.24 7.08 -7.82
C LEU A 391 6.62 7.67 -6.56
N LEU A 392 5.46 8.32 -6.65
CA LEU A 392 4.79 8.92 -5.51
C LEU A 392 3.50 8.19 -5.14
N ARG A 393 3.34 6.94 -5.57
CA ARG A 393 2.14 6.16 -5.30
C ARG A 393 2.41 5.24 -4.12
N ASN A 394 2.42 5.83 -2.93
CA ASN A 394 2.57 5.09 -1.68
C ASN A 394 1.90 5.90 -0.58
N GLY A 395 1.88 5.32 0.63
CA GLY A 395 1.42 6.07 1.78
C GLY A 395 2.37 7.18 2.14
N ALA A 396 1.90 8.10 2.99
CA ALA A 396 2.73 9.24 3.37
C ALA A 396 4.03 8.79 4.00
N ASN A 397 3.98 7.76 4.84
CA ASN A 397 5.18 7.07 5.29
C ASN A 397 4.83 5.58 5.39
N GLU A 398 5.74 4.80 5.97
CA GLU A 398 5.54 3.37 6.04
C GLU A 398 4.44 2.97 7.02
N GLY A 399 3.94 3.91 7.82
CA GLY A 399 2.89 3.58 8.77
C GLY A 399 1.52 4.10 8.40
N PHE A 400 1.45 4.93 7.36
CA PHE A 400 0.17 5.53 6.97
C PHE A 400 -0.75 4.53 6.28
N HIS A 401 -0.20 3.65 5.46
CA HIS A 401 -1.04 2.77 4.65
C HIS A 401 -1.82 1.79 5.51
N GLU A 402 -1.19 1.25 6.56
CA GLU A 402 -1.89 0.34 7.45
C GLU A 402 -2.76 1.09 8.45
N ALA A 403 -2.43 2.34 8.77
CA ALA A 403 -3.29 3.13 9.64
C ALA A 403 -4.64 3.39 8.99
N VAL A 404 -4.63 3.70 7.69
CA VAL A 404 -5.88 3.96 6.98
C VAL A 404 -6.75 2.72 6.93
N GLY A 405 -6.14 1.57 6.64
CA GLY A 405 -6.90 0.32 6.64
C GLY A 405 -7.40 -0.07 8.01
N GLU A 406 -6.62 0.22 9.05
CA GLU A 406 -6.97 -0.21 10.40
C GLU A 406 -8.20 0.52 10.94
N ILE A 407 -8.33 1.81 10.62
CA ILE A 407 -9.47 2.58 11.10
C ILE A 407 -10.76 2.20 10.41
N MET A 408 -10.70 1.51 9.26
CA MET A 408 -11.91 1.03 8.63
C MET A 408 -12.53 -0.13 9.41
N SER A 409 -11.69 -0.98 10.00
CA SER A 409 -12.20 -2.05 10.86
C SER A 409 -12.71 -1.53 12.19
N LEU A 410 -12.23 -0.37 12.64
CA LEU A 410 -12.72 0.21 13.88
C LEU A 410 -14.19 0.59 13.75
N SER A 411 -14.56 1.26 12.65
CA SER A 411 -15.94 1.67 12.45
C SER A 411 -16.83 0.47 12.15
N ALA A 412 -16.31 -0.49 11.40
CA ALA A 412 -17.13 -1.64 11.00
C ALA A 412 -17.48 -2.53 12.17
N ALA A 413 -16.56 -2.69 13.13
CA ALA A 413 -16.76 -3.60 14.24
C ALA A 413 -17.65 -3.04 15.34
N THR A 414 -17.93 -1.74 15.33
CA THR A 414 -18.73 -1.15 16.39
C THR A 414 -20.18 -1.64 16.29
N PRO A 415 -20.84 -1.84 17.43
CA PRO A 415 -22.24 -2.28 17.39
C PRO A 415 -23.16 -1.29 16.70
N LYS A 416 -22.79 0.00 16.67
CA LYS A 416 -23.59 0.99 15.96
C LYS A 416 -23.64 0.67 14.47
N HIS A 417 -22.51 0.30 13.87
CA HIS A 417 -22.48 -0.03 12.46
C HIS A 417 -23.18 -1.36 12.19
N LEU A 418 -22.92 -2.38 13.02
CA LEU A 418 -23.52 -3.69 12.80
C LEU A 418 -25.04 -3.64 12.92
N LYS A 419 -25.57 -2.72 13.72
CA LYS A 419 -27.01 -2.56 13.83
C LYS A 419 -27.61 -1.91 12.60
N ASN A 420 -26.89 -0.97 11.98
CA ASN A 420 -27.40 -0.29 10.80
C ASN A 420 -27.53 -1.24 9.61
N ILE A 421 -26.60 -2.18 9.48
CA ILE A 421 -26.59 -3.09 8.34
C ILE A 421 -27.38 -4.34 8.68
N GLY A 422 -28.12 -4.29 9.78
CA GLY A 422 -28.99 -5.40 10.15
C GLY A 422 -28.29 -6.67 10.58
N LEU A 423 -27.08 -6.55 11.13
CA LEU A 423 -26.39 -7.70 11.70
C LEU A 423 -26.67 -7.86 13.19
N LEU A 424 -27.38 -6.92 13.80
CA LEU A 424 -27.81 -7.00 15.18
C LEU A 424 -29.29 -6.67 15.26
N PRO A 425 -30.00 -7.20 16.26
CA PRO A 425 -31.42 -6.90 16.38
C PRO A 425 -31.63 -5.41 16.61
N PRO A 426 -32.75 -4.87 16.12
CA PRO A 426 -33.02 -3.43 16.34
C PRO A 426 -33.10 -3.06 17.82
N GLY A 427 -33.59 -3.96 18.67
CA GLY A 427 -33.67 -3.74 20.09
C GLY A 427 -32.43 -4.12 20.87
N PHE A 428 -31.35 -4.49 20.19
CA PHE A 428 -30.11 -4.85 20.86
C PHE A 428 -29.60 -3.69 21.71
N SER A 429 -29.26 -3.98 22.95
CA SER A 429 -28.80 -2.98 23.91
C SER A 429 -27.34 -3.26 24.26
N GLU A 430 -26.49 -2.25 24.09
CA GLU A 430 -25.08 -2.41 24.42
C GLU A 430 -24.87 -2.43 25.92
N ASP A 431 -24.04 -3.36 26.38
CA ASP A 431 -23.76 -3.52 27.79
C ASP A 431 -22.46 -2.78 28.16
N ASN A 432 -22.37 -2.40 29.44
CA ASN A 432 -21.15 -1.78 29.93
C ASN A 432 -20.05 -2.79 30.16
N GLU A 433 -20.41 -4.03 30.51
CA GLU A 433 -19.43 -5.08 30.68
C GLU A 433 -19.00 -5.71 29.36
N THR A 434 -19.63 -5.32 28.25
CA THR A 434 -19.18 -5.70 26.92
C THR A 434 -18.21 -4.69 26.33
N ASP A 435 -18.40 -3.40 26.61
CA ASP A 435 -17.41 -2.40 26.22
C ASP A 435 -16.08 -2.63 26.91
N ILE A 436 -16.11 -3.05 28.17
CA ILE A 436 -14.89 -3.37 28.89
C ILE A 436 -14.19 -4.57 28.25
N ASN A 437 -14.95 -5.62 27.94
CA ASN A 437 -14.36 -6.77 27.27
C ASN A 437 -13.82 -6.42 25.90
N PHE A 438 -14.53 -5.56 25.16
CA PHE A 438 -14.03 -5.14 23.86
C PHE A 438 -12.78 -4.30 23.98
N LEU A 439 -12.78 -3.33 24.90
CA LEU A 439 -11.62 -2.47 25.07
C LEU A 439 -10.40 -3.25 25.54
N PHE A 440 -10.61 -4.21 26.44
CA PHE A 440 -9.49 -5.00 26.92
C PHE A 440 -8.87 -5.83 25.81
N LYS A 441 -9.69 -6.42 24.94
CA LYS A 441 -9.17 -7.18 23.81
C LYS A 441 -8.45 -6.29 22.81
N GLN A 442 -8.82 -5.01 22.72
CA GLN A 442 -8.09 -4.08 21.88
C GLN A 442 -6.77 -3.66 22.51
N ALA A 443 -6.73 -3.54 23.84
CA ALA A 443 -5.49 -3.15 24.51
C ALA A 443 -4.44 -4.25 24.43
N LEU A 444 -4.88 -5.51 24.38
CA LEU A 444 -3.93 -6.61 24.25
C LEU A 444 -3.17 -6.52 22.92
N THR A 445 -3.86 -6.14 21.85
CA THR A 445 -3.24 -6.02 20.55
C THR A 445 -2.56 -4.67 20.35
N ILE A 446 -3.25 -3.58 20.71
CA ILE A 446 -2.75 -2.25 20.42
C ILE A 446 -1.73 -1.81 21.46
N VAL A 447 -2.10 -1.87 22.74
CA VAL A 447 -1.22 -1.37 23.79
C VAL A 447 -0.18 -2.41 24.19
N GLY A 448 -0.52 -3.70 24.11
CA GLY A 448 0.45 -4.73 24.45
C GLY A 448 1.62 -4.84 23.48
N THR A 449 1.51 -4.21 22.31
CA THR A 449 2.57 -4.27 21.31
C THR A 449 3.46 -3.04 21.29
N LEU A 450 3.01 -1.91 21.84
CA LEU A 450 3.79 -0.68 21.77
C LEU A 450 5.11 -0.77 22.52
N PRO A 451 5.16 -1.23 23.79
CA PRO A 451 6.47 -1.42 24.42
C PRO A 451 7.36 -2.42 23.70
N PHE A 452 6.79 -3.49 23.16
CA PHE A 452 7.58 -4.47 22.43
C PHE A 452 8.18 -3.87 21.17
N THR A 453 7.37 -3.15 20.40
CA THR A 453 7.85 -2.53 19.17
C THR A 453 8.90 -1.47 19.46
N TYR A 454 8.67 -0.66 20.51
CA TYR A 454 9.63 0.39 20.85
C TYR A 454 10.95 -0.21 21.30
N MET A 455 10.92 -1.24 22.13
CA MET A 455 12.16 -1.82 22.64
C MET A 455 12.99 -2.44 21.53
N LEU A 456 12.33 -3.15 20.60
CA LEU A 456 13.06 -3.84 19.54
C LEU A 456 13.76 -2.86 18.62
N GLU A 457 13.09 -1.78 18.22
CA GLU A 457 13.73 -0.80 17.35
C GLU A 457 14.76 0.03 18.09
N LYS A 458 14.55 0.28 19.38
CA LYS A 458 15.56 0.96 20.17
C LYS A 458 16.83 0.12 20.28
N TRP A 459 16.69 -1.19 20.42
CA TRP A 459 17.85 -2.07 20.47
C TRP A 459 18.61 -2.06 19.16
N ARG A 460 17.92 -2.23 18.03
CA ARG A 460 18.59 -2.28 16.75
C ARG A 460 19.22 -0.94 16.40
N TRP A 461 18.56 0.16 16.76
CA TRP A 461 19.12 1.48 16.46
C TRP A 461 20.46 1.66 17.16
N MET A 462 20.57 1.23 18.42
CA MET A 462 21.82 1.36 19.15
C MET A 462 22.85 0.33 18.72
N VAL A 463 22.40 -0.87 18.34
CA VAL A 463 23.33 -1.88 17.82
C VAL A 463 23.95 -1.40 16.51
N PHE A 464 23.14 -0.85 15.62
CA PHE A 464 23.69 -0.25 14.41
C PHE A 464 24.55 0.96 14.72
N LYS A 465 24.16 1.75 15.72
CA LYS A 465 24.92 2.94 16.10
C LYS A 465 26.24 2.59 16.77
N GLY A 466 26.42 1.34 17.19
CA GLY A 466 27.62 0.98 17.90
C GLY A 466 27.59 1.31 19.38
N GLU A 467 26.42 1.63 19.92
CA GLU A 467 26.28 1.85 21.36
C GLU A 467 26.20 0.56 22.15
N ILE A 468 25.94 -0.56 21.48
CA ILE A 468 25.90 -1.87 22.12
C ILE A 468 27.00 -2.73 21.51
N PRO A 469 28.11 -2.92 22.21
CA PRO A 469 29.17 -3.80 21.71
C PRO A 469 28.67 -5.23 21.57
N LYS A 470 29.29 -5.96 20.65
CA LYS A 470 28.84 -7.31 20.32
C LYS A 470 28.90 -8.25 21.53
N GLU A 471 29.69 -7.91 22.55
CA GLU A 471 29.76 -8.69 23.78
C GLU A 471 28.65 -8.32 24.75
N GLN A 472 27.81 -7.34 24.41
CA GLN A 472 26.70 -6.93 25.25
C GLN A 472 25.37 -6.89 24.51
N TRP A 473 25.26 -7.57 23.37
CA TRP A 473 24.01 -7.56 22.62
C TRP A 473 22.86 -8.16 23.43
N MET A 474 23.05 -9.36 23.96
CA MET A 474 22.02 -10.01 24.75
C MET A 474 22.00 -9.53 26.19
N LYS A 475 23.03 -8.83 26.64
CA LYS A 475 23.01 -8.24 27.98
C LYS A 475 22.13 -7.01 28.03
N LYS A 476 22.13 -6.20 26.96
CA LYS A 476 21.27 -5.04 26.88
C LYS A 476 19.91 -5.35 26.27
N TRP A 477 19.78 -6.45 25.54
CA TRP A 477 18.48 -6.85 25.04
C TRP A 477 17.56 -7.26 26.19
N TRP A 478 18.07 -7.99 27.16
CA TRP A 478 17.27 -8.45 28.29
C TRP A 478 17.24 -7.46 29.45
N GLU A 479 18.07 -6.42 29.42
CA GLU A 479 17.94 -5.37 30.42
C GLU A 479 17.02 -4.25 29.94
N MET A 480 16.80 -4.14 28.64
CA MET A 480 15.79 -3.24 28.10
C MET A 480 14.42 -3.89 27.98
N LYS A 481 14.39 -5.21 27.82
CA LYS A 481 13.11 -5.91 27.80
C LYS A 481 12.48 -5.98 29.18
N ARG A 482 13.29 -5.87 30.24
CA ARG A 482 12.78 -5.80 31.60
C ARG A 482 12.41 -4.39 32.00
N ASP A 483 13.18 -3.39 31.57
CA ASP A 483 12.98 -2.01 32.00
C ASP A 483 11.89 -1.30 31.20
N LEU A 484 11.76 -1.61 29.91
CA LEU A 484 10.80 -0.94 29.05
C LEU A 484 9.53 -1.74 28.82
N VAL A 485 9.62 -3.07 28.77
CA VAL A 485 8.48 -3.92 28.48
C VAL A 485 7.96 -4.64 29.70
N GLY A 486 8.70 -4.67 30.80
CA GLY A 486 8.31 -5.46 31.94
C GLY A 486 8.33 -6.94 31.67
N VAL A 487 9.24 -7.40 30.82
CA VAL A 487 9.31 -8.79 30.38
C VAL A 487 10.70 -9.32 30.71
N VAL A 488 10.75 -10.49 31.32
CA VAL A 488 11.99 -11.08 31.81
C VAL A 488 12.19 -12.42 31.13
N GLU A 489 13.42 -12.70 30.74
CA GLU A 489 13.73 -13.96 30.09
C GLU A 489 13.54 -15.12 31.05
N PRO A 490 12.85 -16.19 30.66
CA PRO A 490 12.79 -17.36 31.53
C PRO A 490 14.13 -18.02 31.79
N LEU A 491 15.04 -17.96 30.82
CA LEU A 491 16.36 -18.56 30.93
C LEU A 491 17.42 -17.55 30.54
N PRO A 492 18.57 -17.56 31.21
CA PRO A 492 19.62 -16.60 30.87
C PRO A 492 20.27 -16.92 29.53
N HIS A 493 20.77 -15.87 28.88
CA HIS A 493 21.47 -15.99 27.60
C HIS A 493 22.86 -15.38 27.72
N ASP A 494 23.83 -15.98 27.04
CA ASP A 494 25.24 -15.68 27.26
C ASP A 494 25.93 -15.15 26.01
N GLU A 495 25.27 -14.26 25.27
CA GLU A 495 25.78 -13.54 24.10
C GLU A 495 26.01 -14.46 22.90
N THR A 496 25.82 -15.77 23.03
CA THR A 496 25.84 -16.67 21.88
C THR A 496 24.48 -16.76 21.21
N TYR A 497 23.49 -16.06 21.74
CA TYR A 497 22.15 -16.00 21.16
C TYR A 497 21.99 -14.70 20.38
N CYS A 498 21.00 -14.69 19.49
CA CYS A 498 20.48 -13.45 18.90
C CYS A 498 18.97 -13.54 19.04
N ASP A 499 18.46 -13.15 20.21
CA ASP A 499 17.02 -13.21 20.45
C ASP A 499 16.22 -12.30 19.53
N PRO A 500 16.61 -11.05 19.28
CA PRO A 500 15.85 -10.25 18.31
C PRO A 500 15.81 -10.87 16.92
N ALA A 501 16.88 -11.54 16.51
CA ALA A 501 16.90 -12.16 15.18
C ALA A 501 15.88 -13.29 15.05
N SER A 502 15.34 -13.79 16.17
CA SER A 502 14.31 -14.82 16.12
C SER A 502 13.01 -14.29 15.53
N LEU A 503 12.84 -12.97 15.46
CA LEU A 503 11.65 -12.38 14.87
C LEU A 503 11.79 -12.33 13.35
N PHE A 504 10.64 -12.32 12.67
CA PHE A 504 10.63 -12.28 11.21
C PHE A 504 11.29 -11.01 10.68
N HIS A 505 10.91 -9.86 11.25
CA HIS A 505 11.34 -8.58 10.69
C HIS A 505 12.80 -8.26 10.94
N VAL A 506 13.45 -8.96 11.86
CA VAL A 506 14.87 -8.73 12.13
C VAL A 506 15.73 -9.61 11.24
N ALA A 507 15.34 -10.88 11.07
CA ALA A 507 16.10 -11.77 10.19
C ALA A 507 15.90 -11.43 8.72
N ASN A 508 14.75 -10.83 8.37
CA ASN A 508 14.39 -10.59 6.98
C ASN A 508 14.53 -9.13 6.58
N ASP A 509 15.28 -8.33 7.33
CA ASP A 509 15.63 -6.96 6.96
C ASP A 509 14.38 -6.10 6.77
N TYR A 510 13.58 -6.01 7.83
CA TYR A 510 12.38 -5.18 7.81
C TYR A 510 12.42 -4.20 8.97
N SER A 511 12.17 -2.94 8.66
CA SER A 511 12.04 -1.94 9.70
C SER A 511 10.80 -2.23 10.54
N PHE A 512 10.94 -2.10 11.86
CA PHE A 512 9.89 -2.48 12.79
C PHE A 512 9.18 -1.29 13.41
N ILE A 513 9.69 -0.08 13.25
CA ILE A 513 9.07 1.09 13.87
C ILE A 513 7.75 1.46 13.22
N ARG A 514 7.46 0.96 12.02
CA ARG A 514 6.19 1.24 11.37
C ARG A 514 5.03 0.70 12.18
N TYR A 515 5.20 -0.44 12.84
CA TYR A 515 4.15 -0.99 13.68
C TYR A 515 3.91 -0.17 14.94
N TYR A 516 4.81 0.75 15.27
CA TYR A 516 4.61 1.66 16.38
C TYR A 516 3.92 2.94 15.93
N THR A 517 4.46 3.59 14.88
CA THR A 517 3.88 4.83 14.41
C THR A 517 2.50 4.63 13.82
N ARG A 518 2.26 3.50 13.17
CA ARG A 518 0.94 3.23 12.60
C ARG A 518 -0.13 3.19 13.69
N THR A 519 0.19 2.58 14.83
CA THR A 519 -0.75 2.53 15.94
C THR A 519 -1.05 3.93 16.46
N ILE A 520 -0.03 4.79 16.53
CA ILE A 520 -0.26 6.18 16.92
C ILE A 520 -1.08 6.90 15.87
N TYR A 521 -0.76 6.69 14.59
CA TYR A 521 -1.53 7.33 13.52
C TYR A 521 -2.97 6.81 13.49
N GLN A 522 -3.15 5.53 13.80
CA GLN A 522 -4.47 4.91 13.69
C GLN A 522 -5.51 5.65 14.53
N PHE A 523 -5.33 5.67 15.85
CA PHE A 523 -6.30 6.32 16.72
C PHE A 523 -6.26 7.82 16.60
N GLN A 524 -5.15 8.39 16.11
CA GLN A 524 -5.13 9.82 15.82
C GLN A 524 -6.09 10.15 14.68
N PHE A 525 -6.10 9.32 13.63
CA PHE A 525 -7.07 9.48 12.56
C PHE A 525 -8.50 9.30 13.06
N GLN A 526 -8.73 8.23 13.83
CA GLN A 526 -10.08 7.91 14.27
C GLN A 526 -10.65 9.01 15.17
N GLU A 527 -9.84 9.54 16.07
CA GLU A 527 -10.33 10.58 16.97
C GLU A 527 -10.74 11.82 16.18
N ALA A 528 -9.97 12.16 15.14
CA ALA A 528 -10.30 13.35 14.35
C ALA A 528 -11.53 13.11 13.48
N LEU A 529 -11.61 11.94 12.85
CA LEU A 529 -12.74 11.65 11.97
C LEU A 529 -14.06 11.58 12.75
N CYS A 530 -14.02 11.06 13.98
CA CYS A 530 -15.23 10.96 14.78
C CYS A 530 -15.71 12.33 15.26
N GLN A 531 -14.79 13.25 15.54
CA GLN A 531 -15.20 14.60 15.88
C GLN A 531 -15.87 15.30 14.71
N ILE A 532 -15.37 15.05 13.49
CA ILE A 532 -16.02 15.59 12.30
C ILE A 532 -17.38 14.94 12.09
N ALA A 533 -17.48 13.65 12.39
CA ALA A 533 -18.75 12.92 12.29
C ALA A 533 -19.73 13.27 13.40
N LYS A 534 -19.42 14.25 14.24
CA LYS A 534 -20.29 14.68 15.33
C LYS A 534 -20.62 13.53 16.27
N HIS A 535 -19.64 12.67 16.52
CA HIS A 535 -19.84 11.55 17.44
C HIS A 535 -19.91 12.05 18.86
N GLU A 536 -20.92 11.59 19.60
CA GLU A 536 -21.10 11.93 21.00
C GLU A 536 -21.00 10.67 21.84
N GLY A 537 -20.12 10.68 22.83
CA GLY A 537 -19.92 9.54 23.70
C GLY A 537 -18.49 9.07 23.70
N PRO A 538 -18.27 7.83 24.15
CA PRO A 538 -16.92 7.27 24.12
C PRO A 538 -16.40 7.13 22.71
N LEU A 539 -15.07 7.26 22.56
CA LEU A 539 -14.46 7.18 21.24
C LEU A 539 -14.54 5.77 20.65
N HIS A 540 -14.46 4.74 21.50
CA HIS A 540 -14.52 3.37 21.00
C HIS A 540 -15.89 2.98 20.48
N LYS A 541 -16.92 3.79 20.74
CA LYS A 541 -18.26 3.55 20.23
C LYS A 541 -18.52 4.26 18.91
N CYS A 542 -17.53 4.94 18.35
CA CYS A 542 -17.73 5.76 17.18
C CYS A 542 -17.86 4.94 15.91
N ASP A 543 -18.70 5.42 15.00
CA ASP A 543 -18.91 4.82 13.69
C ASP A 543 -19.04 5.95 12.68
N ILE A 544 -18.10 6.03 11.75
CA ILE A 544 -18.05 7.15 10.81
C ILE A 544 -18.93 6.85 9.59
N SER A 545 -19.67 5.75 9.64
CA SER A 545 -20.56 5.39 8.54
C SER A 545 -21.63 6.45 8.35
N ASN A 546 -22.02 6.65 7.09
CA ASN A 546 -23.02 7.65 6.71
C ASN A 546 -22.60 9.05 7.11
N SER A 547 -21.30 9.33 7.07
CA SER A 547 -20.75 10.64 7.40
C SER A 547 -19.82 11.06 6.26
N SER A 548 -20.39 11.76 5.27
CA SER A 548 -19.60 12.16 4.12
C SER A 548 -18.52 13.18 4.49
N GLU A 549 -18.74 13.96 5.55
CA GLU A 549 -17.72 14.93 5.96
C GLU A 549 -16.46 14.22 6.43
N ALA A 550 -16.62 13.14 7.22
CA ALA A 550 -15.45 12.41 7.69
C ALA A 550 -14.71 11.74 6.55
N GLY A 551 -15.44 11.15 5.60
CA GLY A 551 -14.79 10.47 4.49
C GLY A 551 -14.06 11.40 3.56
N GLN A 552 -14.59 12.60 3.33
CA GLN A 552 -13.93 13.54 2.43
C GLN A 552 -12.65 14.09 3.04
N THR A 553 -12.65 14.34 4.36
CA THR A 553 -11.44 14.81 5.02
C THR A 553 -10.34 13.77 4.96
N LEU A 554 -10.69 12.50 5.18
CA LEU A 554 -9.73 11.42 5.02
C LEU A 554 -9.26 11.30 3.58
N LEU A 555 -10.17 11.48 2.63
CA LEU A 555 -9.82 11.35 1.21
C LEU A 555 -8.82 12.42 0.78
N GLN A 556 -8.79 13.57 1.47
CA GLN A 556 -7.81 14.60 1.14
C GLN A 556 -6.40 14.10 1.37
N MET A 557 -6.16 13.39 2.47
CA MET A 557 -4.83 12.85 2.74
C MET A 557 -4.53 11.66 1.85
N LEU A 558 -5.55 10.84 1.55
CA LEU A 558 -5.32 9.66 0.72
C LEU A 558 -4.86 10.04 -0.68
N LYS A 559 -5.45 11.10 -1.25
CA LYS A 559 -5.07 11.55 -2.58
C LYS A 559 -3.66 12.11 -2.65
N LEU A 560 -3.05 12.45 -1.50
CA LEU A 560 -1.72 13.03 -1.51
C LEU A 560 -0.65 12.01 -1.87
N GLY A 561 -0.79 10.77 -1.43
CA GLY A 561 0.27 9.79 -1.66
C GLY A 561 1.55 10.24 -0.98
N ARG A 562 2.65 10.19 -1.72
CA ARG A 562 3.93 10.69 -1.25
C ARG A 562 4.26 12.07 -1.80
N SER A 563 3.31 12.73 -2.45
CA SER A 563 3.58 14.06 -3.01
C SER A 563 3.89 15.06 -1.90
N LYS A 564 3.32 14.87 -0.71
CA LYS A 564 3.53 15.75 0.42
C LYS A 564 4.19 14.98 1.57
N PRO A 565 4.93 15.67 2.43
CA PRO A 565 5.52 14.99 3.60
C PRO A 565 4.44 14.48 4.54
N TRP A 566 4.77 13.41 5.27
CA TRP A 566 3.81 12.79 6.17
C TRP A 566 3.37 13.76 7.27
N THR A 567 4.25 14.67 7.68
CA THR A 567 3.87 15.69 8.66
C THR A 567 2.78 16.60 8.11
N LEU A 568 2.84 16.90 6.82
CA LEU A 568 1.79 17.69 6.18
C LEU A 568 0.53 16.86 5.93
N ALA A 569 0.70 15.58 5.60
CA ALA A 569 -0.45 14.72 5.36
C ALA A 569 -1.20 14.44 6.65
N LEU A 570 -0.48 14.22 7.76
CA LEU A 570 -1.12 13.96 9.04
C LEU A 570 -1.90 15.18 9.52
N TYR A 571 -1.35 16.38 9.34
CA TYR A 571 -2.01 17.58 9.82
C TYR A 571 -3.32 17.84 9.10
N ARG A 572 -3.43 17.39 7.84
CA ARG A 572 -4.64 17.64 7.07
C ARG A 572 -5.83 16.82 7.56
N VAL A 573 -5.59 15.78 8.35
CA VAL A 573 -6.68 14.98 8.89
C VAL A 573 -6.87 15.32 10.37
N VAL A 574 -5.83 15.14 11.16
CA VAL A 574 -5.95 15.23 12.62
C VAL A 574 -5.67 16.62 13.17
N GLY A 575 -5.16 17.53 12.35
CA GLY A 575 -4.84 18.86 12.85
C GLY A 575 -3.62 18.93 13.73
N ALA A 576 -2.81 17.87 13.77
CA ALA A 576 -1.58 17.84 14.54
C ALA A 576 -0.45 17.40 13.63
N LYS A 577 0.65 18.14 13.65
CA LYS A 577 1.76 17.86 12.74
C LYS A 577 2.53 16.61 13.15
N ASN A 578 2.63 16.32 14.43
CA ASN A 578 3.43 15.22 14.96
C ASN A 578 2.54 14.15 15.57
N MET A 579 3.13 13.02 15.88
CA MET A 579 2.42 11.95 16.56
C MET A 579 1.91 12.41 17.91
N ASP A 580 0.66 12.08 18.21
CA ASP A 580 0.06 12.34 19.51
C ASP A 580 -0.57 11.04 19.99
N VAL A 581 -0.28 10.66 21.24
CA VAL A 581 -0.81 9.42 21.79
C VAL A 581 -2.00 9.64 22.70
N ARG A 582 -2.34 10.88 23.01
CA ARG A 582 -3.60 11.15 23.73
C ARG A 582 -4.81 10.59 23.01
N PRO A 583 -4.94 10.67 21.67
CA PRO A 583 -6.04 9.95 21.01
C PRO A 583 -6.04 8.45 21.31
N LEU A 584 -4.86 7.84 21.41
CA LEU A 584 -4.80 6.44 21.81
C LEU A 584 -5.19 6.27 23.28
N LEU A 585 -4.79 7.21 24.13
CA LEU A 585 -5.18 7.15 25.53
C LEU A 585 -6.67 7.43 25.71
N ASN A 586 -7.23 8.28 24.87
CA ASN A 586 -8.67 8.54 24.93
C ASN A 586 -9.48 7.33 24.50
N TYR A 587 -8.97 6.55 23.53
CA TYR A 587 -9.67 5.36 23.08
C TYR A 587 -9.81 4.34 24.21
N PHE A 588 -8.76 4.19 25.02
CA PHE A 588 -8.76 3.23 26.11
C PHE A 588 -9.04 3.89 27.47
N ASP A 589 -9.48 5.15 27.47
CA ASP A 589 -9.78 5.82 28.73
C ASP A 589 -10.85 5.11 29.54
N PRO A 590 -11.97 4.64 28.97
CA PRO A 590 -12.91 3.84 29.78
C PRO A 590 -12.26 2.58 30.34
N LEU A 591 -11.34 1.96 29.61
CA LEU A 591 -10.63 0.81 30.14
C LEU A 591 -9.60 1.22 31.17
N PHE A 592 -8.91 2.33 30.93
CA PHE A 592 -7.90 2.81 31.88
C PHE A 592 -8.54 3.17 33.21
N THR A 593 -9.73 3.80 33.18
CA THR A 593 -10.47 4.05 34.40
C THR A 593 -10.84 2.74 35.08
N TRP A 594 -11.26 1.74 34.29
CA TRP A 594 -11.56 0.43 34.86
C TRP A 594 -10.31 -0.25 35.37
N LEU A 595 -9.19 -0.10 34.66
CA LEU A 595 -7.94 -0.73 35.09
C LEU A 595 -7.45 -0.16 36.42
N LYS A 596 -7.51 1.16 36.57
CA LYS A 596 -7.01 1.78 37.80
C LYS A 596 -7.89 1.41 39.00
N GLU A 597 -9.19 1.20 38.78
CA GLU A 597 -10.05 0.74 39.86
C GLU A 597 -9.83 -0.73 40.19
N GLN A 598 -9.47 -1.53 39.19
CA GLN A 598 -9.19 -2.95 39.41
C GLN A 598 -7.80 -3.21 39.98
N ASN A 599 -6.92 -2.22 39.92
CA ASN A 599 -5.57 -2.35 40.43
C ASN A 599 -5.36 -1.63 41.77
N ARG A 600 -6.45 -1.36 42.49
CA ARG A 600 -6.33 -0.74 43.81
C ARG A 600 -5.61 -1.66 44.79
N ASN A 601 -5.91 -2.96 44.75
CA ASN A 601 -5.31 -3.95 45.63
C ASN A 601 -4.21 -4.74 44.94
N SER A 602 -3.61 -4.20 43.89
CA SER A 602 -2.52 -4.85 43.17
C SER A 602 -1.36 -3.87 43.04
N PHE A 603 -0.16 -4.44 42.94
CA PHE A 603 1.05 -3.65 42.76
C PHE A 603 1.20 -3.30 41.29
N VAL A 604 1.26 -2.00 40.99
CA VAL A 604 1.39 -1.50 39.63
C VAL A 604 2.85 -1.16 39.39
N GLY A 605 3.45 -1.83 38.41
CA GLY A 605 4.87 -1.70 38.13
C GLY A 605 5.59 -3.03 38.26
N TRP A 606 6.86 -3.00 37.89
CA TRP A 606 7.69 -4.20 37.92
C TRP A 606 9.09 -3.83 38.40
N ASN A 607 9.78 -4.82 38.96
CA ASN A 607 11.17 -4.68 39.39
C ASN A 607 12.05 -5.52 38.48
N THR A 608 13.15 -4.93 38.02
CA THR A 608 14.05 -5.60 37.09
C THR A 608 14.84 -6.72 37.76
N ASP A 609 15.01 -6.67 39.08
CA ASP A 609 15.87 -7.63 39.78
C ASP A 609 15.33 -9.05 39.68
N TRP A 610 14.02 -9.23 39.82
CA TRP A 610 13.45 -10.56 39.84
C TRP A 610 13.54 -11.23 38.47
N SER A 611 13.86 -12.52 38.48
CA SER A 611 13.90 -13.34 37.28
C SER A 611 13.36 -14.73 37.62
N PRO A 612 12.73 -15.40 36.66
CA PRO A 612 12.22 -16.76 36.92
C PRO A 612 13.30 -17.74 37.31
N TYR A 613 14.52 -17.57 36.81
CA TYR A 613 15.61 -18.51 37.04
C TYR A 613 16.46 -18.15 38.25
N ALA A 614 16.12 -17.09 38.98
CA ALA A 614 16.90 -16.73 40.16
C ALA A 614 16.77 -17.78 41.26
N ASP A 615 15.62 -18.41 41.38
CA ASP A 615 15.41 -19.46 42.38
C ASP A 615 14.52 -20.57 41.84
N THR B 1 -29.23 3.82 -50.68
CA THR B 1 -28.60 3.40 -51.92
C THR B 1 -27.09 3.60 -51.87
N ASN B 2 -26.67 4.86 -51.89
CA ASN B 2 -25.25 5.24 -51.86
C ASN B 2 -24.97 5.85 -50.49
N LEU B 3 -24.63 5.00 -49.53
CA LEU B 3 -24.32 5.43 -48.17
C LEU B 3 -22.83 5.65 -48.01
N CYS B 4 -22.48 6.57 -47.11
CA CYS B 4 -21.09 6.84 -46.84
C CYS B 4 -20.43 5.65 -46.15
N PRO B 5 -19.13 5.41 -46.41
CA PRO B 5 -18.42 4.27 -45.81
C PRO B 5 -18.04 4.49 -44.34
N PHE B 6 -19.01 4.94 -43.54
CA PHE B 6 -18.77 5.08 -42.11
C PHE B 6 -18.52 3.74 -41.45
N GLY B 7 -19.12 2.66 -41.98
CA GLY B 7 -18.82 1.34 -41.49
C GLY B 7 -17.36 0.97 -41.67
N GLU B 8 -16.80 1.31 -42.84
CA GLU B 8 -15.38 1.07 -43.09
C GLU B 8 -14.48 1.92 -42.22
N VAL B 9 -15.00 2.96 -41.59
CA VAL B 9 -14.22 3.82 -40.71
C VAL B 9 -14.35 3.39 -39.25
N PHE B 10 -15.59 3.26 -38.77
CA PHE B 10 -15.82 2.87 -37.38
C PHE B 10 -15.56 1.39 -37.15
N ASN B 11 -16.00 0.54 -38.07
CA ASN B 11 -15.81 -0.91 -37.94
C ASN B 11 -14.53 -1.38 -38.63
N ALA B 12 -13.55 -0.49 -38.81
CA ALA B 12 -12.28 -0.90 -39.39
C ALA B 12 -11.61 -1.93 -38.50
N THR B 13 -11.05 -2.97 -39.13
CA THR B 13 -10.44 -4.06 -38.39
C THR B 13 -9.25 -3.62 -37.55
N ARG B 14 -8.56 -2.56 -37.95
CA ARG B 14 -7.42 -2.07 -37.21
C ARG B 14 -7.31 -0.56 -37.36
N PHE B 15 -7.08 0.12 -36.25
CA PHE B 15 -6.89 1.56 -36.23
C PHE B 15 -5.41 1.91 -36.19
N ALA B 16 -5.11 3.12 -36.62
CA ALA B 16 -3.72 3.59 -36.63
C ALA B 16 -3.33 4.08 -35.24
N SER B 17 -2.02 4.21 -35.04
CA SER B 17 -1.51 4.77 -33.79
C SER B 17 -1.86 6.26 -33.70
N VAL B 18 -1.82 6.79 -32.49
CA VAL B 18 -2.23 8.17 -32.28
C VAL B 18 -1.25 9.14 -32.97
N TYR B 19 0.04 8.80 -32.98
CA TYR B 19 1.01 9.69 -33.64
C TYR B 19 0.90 9.61 -35.15
N ALA B 20 0.45 8.47 -35.68
CA ALA B 20 0.33 8.28 -37.12
C ALA B 20 -1.13 8.02 -37.48
N TRP B 21 -2.03 8.84 -36.94
CA TRP B 21 -3.47 8.63 -37.11
C TRP B 21 -3.85 8.72 -38.58
N ASN B 22 -4.80 7.88 -38.97
CA ASN B 22 -5.26 7.78 -40.35
C ASN B 22 -6.38 8.78 -40.60
N ARG B 23 -6.29 9.50 -41.70
CA ARG B 23 -7.29 10.50 -42.08
C ARG B 23 -7.97 10.06 -43.36
N LYS B 24 -9.29 10.13 -43.38
CA LYS B 24 -10.09 9.76 -44.55
C LYS B 24 -11.00 10.93 -44.93
N ARG B 25 -11.17 11.13 -46.22
CA ARG B 25 -12.01 12.21 -46.75
C ARG B 25 -13.32 11.59 -47.25
N ILE B 26 -14.34 11.64 -46.39
CA ILE B 26 -15.65 11.07 -46.73
C ILE B 26 -16.41 12.11 -47.54
N SER B 27 -16.70 11.78 -48.79
CA SER B 27 -17.43 12.69 -49.67
C SER B 27 -18.07 11.88 -50.78
N ASN B 28 -18.85 12.58 -51.62
CA ASN B 28 -19.58 11.96 -52.73
C ASN B 28 -20.49 10.84 -52.24
N CYS B 29 -21.17 11.07 -51.12
CA CYS B 29 -22.06 10.07 -50.54
C CYS B 29 -23.03 10.78 -49.60
N VAL B 30 -24.05 10.04 -49.18
CA VAL B 30 -25.06 10.53 -48.25
C VAL B 30 -24.79 9.90 -46.89
N ALA B 31 -24.60 10.74 -45.88
CA ALA B 31 -24.25 10.29 -44.55
C ALA B 31 -25.49 10.10 -43.69
N ASP B 32 -25.58 8.95 -43.03
CA ASP B 32 -26.67 8.64 -42.11
C ASP B 32 -26.10 8.67 -40.70
N TYR B 33 -26.49 9.69 -39.92
CA TYR B 33 -26.00 9.86 -38.57
C TYR B 33 -26.93 9.26 -37.53
N SER B 34 -28.04 8.65 -37.93
CA SER B 34 -29.00 8.11 -36.97
C SER B 34 -28.39 7.00 -36.14
N VAL B 35 -27.56 6.16 -36.76
CA VAL B 35 -26.92 5.05 -36.04
C VAL B 35 -25.74 5.51 -35.19
N LEU B 36 -25.47 6.82 -35.11
CA LEU B 36 -24.36 7.32 -34.33
C LEU B 36 -24.79 7.85 -32.96
N TYR B 37 -25.69 8.84 -32.94
CA TYR B 37 -26.10 9.40 -31.66
C TYR B 37 -27.13 8.54 -30.95
N ASN B 38 -27.88 7.72 -31.69
CA ASN B 38 -28.85 6.82 -31.08
C ASN B 38 -28.24 5.49 -30.65
N SER B 39 -26.94 5.28 -30.87
CA SER B 39 -26.26 4.06 -30.50
C SER B 39 -25.62 4.22 -29.14
N ALA B 40 -25.82 3.22 -28.27
CA ALA B 40 -25.28 3.26 -26.92
C ALA B 40 -23.88 2.67 -26.82
N SER B 41 -23.28 2.27 -27.94
CA SER B 41 -21.95 1.70 -27.90
C SER B 41 -20.87 2.75 -27.69
N PHE B 42 -21.16 4.02 -27.96
CA PHE B 42 -20.18 5.09 -27.86
C PHE B 42 -20.24 5.70 -26.46
N SER B 43 -19.14 5.61 -25.72
CA SER B 43 -19.06 6.18 -24.39
C SER B 43 -18.81 7.69 -24.42
N THR B 44 -18.44 8.25 -25.56
CA THR B 44 -18.19 9.67 -25.70
C THR B 44 -18.68 10.16 -27.04
N PHE B 45 -19.50 11.20 -27.02
CA PHE B 45 -19.99 11.83 -28.25
C PHE B 45 -19.96 13.35 -28.10
N LYS B 46 -18.92 13.86 -27.45
CA LYS B 46 -18.81 15.30 -27.22
C LYS B 46 -18.59 16.01 -28.54
N CYS B 47 -19.61 16.68 -29.04
CA CYS B 47 -19.55 17.40 -30.30
C CYS B 47 -19.38 18.89 -30.03
N TYR B 48 -18.45 19.52 -30.74
CA TYR B 48 -18.11 20.91 -30.54
C TYR B 48 -18.41 21.71 -31.79
N GLY B 49 -18.75 22.99 -31.60
CA GLY B 49 -19.05 23.86 -32.71
C GLY B 49 -20.48 23.73 -33.19
N VAL B 50 -20.85 22.54 -33.64
CA VAL B 50 -22.20 22.28 -34.12
C VAL B 50 -22.81 21.17 -33.28
N SER B 51 -24.14 21.10 -33.32
CA SER B 51 -24.92 20.11 -32.61
C SER B 51 -25.58 19.14 -33.58
N PRO B 52 -25.94 17.93 -33.13
CA PRO B 52 -26.65 17.00 -34.04
C PRO B 52 -27.94 17.56 -34.60
N THR B 53 -28.65 18.40 -33.84
CA THR B 53 -29.84 19.05 -34.36
C THR B 53 -29.46 20.17 -35.33
N LYS B 54 -30.43 20.56 -36.16
CA LYS B 54 -30.22 21.60 -37.17
C LYS B 54 -29.04 21.25 -38.08
N LEU B 55 -28.96 19.98 -38.49
CA LEU B 55 -27.86 19.49 -39.28
C LEU B 55 -28.15 19.46 -40.78
N ASN B 56 -29.42 19.37 -41.16
CA ASN B 56 -29.78 19.24 -42.57
C ASN B 56 -29.65 20.56 -43.34
N ASP B 57 -29.45 21.68 -42.65
CA ASP B 57 -29.38 22.99 -43.29
C ASP B 57 -27.95 23.47 -43.52
N LEU B 58 -26.96 22.60 -43.33
CA LEU B 58 -25.56 22.97 -43.48
C LEU B 58 -24.92 22.19 -44.63
N CYS B 59 -24.04 22.86 -45.36
CA CYS B 59 -23.29 22.26 -46.46
C CYS B 59 -21.81 22.26 -46.12
N PHE B 60 -21.19 21.09 -46.21
CA PHE B 60 -19.75 20.96 -45.98
C PHE B 60 -19.12 20.27 -47.18
N THR B 61 -17.96 20.79 -47.61
CA THR B 61 -17.32 20.29 -48.82
C THR B 61 -16.90 18.83 -48.65
N ASN B 62 -16.28 18.51 -47.52
CA ASN B 62 -15.77 17.16 -47.28
C ASN B 62 -15.83 16.85 -45.80
N VAL B 63 -15.78 15.56 -45.48
CA VAL B 63 -15.81 15.07 -44.11
C VAL B 63 -14.49 14.34 -43.84
N TYR B 64 -13.81 14.74 -42.78
CA TYR B 64 -12.54 14.14 -42.39
C TYR B 64 -12.74 13.32 -41.12
N ALA B 65 -12.40 12.04 -41.18
CA ALA B 65 -12.50 11.14 -40.04
C ALA B 65 -11.11 10.75 -39.60
N ASP B 66 -10.70 11.24 -38.43
CA ASP B 66 -9.39 10.95 -37.86
C ASP B 66 -9.55 9.82 -36.85
N SER B 67 -9.06 8.64 -37.18
CA SER B 67 -9.21 7.45 -36.35
C SER B 67 -7.87 7.08 -35.72
N PHE B 68 -7.88 6.87 -34.40
CA PHE B 68 -6.68 6.48 -33.67
C PHE B 68 -7.11 5.86 -32.35
N VAL B 69 -6.17 5.19 -31.70
CA VAL B 69 -6.41 4.50 -30.44
C VAL B 69 -5.54 5.15 -29.37
N ILE B 70 -6.16 5.54 -28.25
CA ILE B 70 -5.48 6.12 -27.11
C ILE B 70 -6.01 5.46 -25.84
N ARG B 71 -5.45 5.88 -24.71
CA ARG B 71 -5.91 5.42 -23.42
C ARG B 71 -7.23 6.07 -23.03
N GLY B 72 -7.96 5.41 -22.14
CA GLY B 72 -9.19 5.99 -21.64
C GLY B 72 -8.97 7.28 -20.88
N ASP B 73 -7.89 7.34 -20.09
CA ASP B 73 -7.56 8.56 -19.37
C ASP B 73 -7.19 9.71 -20.29
N GLU B 74 -6.78 9.42 -21.53
CA GLU B 74 -6.40 10.43 -22.49
C GLU B 74 -7.53 10.83 -23.42
N VAL B 75 -8.71 10.24 -23.26
CA VAL B 75 -9.85 10.63 -24.08
C VAL B 75 -10.25 12.07 -23.78
N ARG B 76 -10.08 12.52 -22.54
CA ARG B 76 -10.37 13.90 -22.19
C ARG B 76 -9.46 14.88 -22.91
N GLN B 77 -8.32 14.41 -23.42
CA GLN B 77 -7.38 15.29 -24.11
C GLN B 77 -7.74 15.56 -25.55
N ILE B 78 -8.69 14.82 -26.12
CA ILE B 78 -9.16 15.09 -27.49
C ILE B 78 -10.30 16.09 -27.36
N ALA B 79 -9.90 17.36 -27.24
CA ALA B 79 -10.82 18.49 -27.06
C ALA B 79 -10.02 19.78 -27.19
N PRO B 80 -10.61 20.84 -27.73
CA PRO B 80 -9.87 22.10 -27.87
C PRO B 80 -9.39 22.63 -26.53
N GLY B 81 -8.18 23.17 -26.51
CA GLY B 81 -7.60 23.76 -25.32
C GLY B 81 -7.03 22.78 -24.33
N GLN B 82 -7.02 21.48 -24.64
CA GLN B 82 -6.51 20.49 -23.71
C GLN B 82 -4.98 20.47 -23.72
N THR B 83 -4.41 20.00 -22.61
CA THR B 83 -2.97 19.91 -22.44
C THR B 83 -2.61 18.48 -22.02
N GLY B 84 -1.55 17.96 -22.61
CA GLY B 84 -1.10 16.62 -22.28
C GLY B 84 -0.15 16.11 -23.35
N LYS B 85 0.26 14.85 -23.17
CA LYS B 85 1.13 14.22 -24.15
C LYS B 85 0.41 14.07 -25.49
N ILE B 86 -0.84 13.61 -25.46
CA ILE B 86 -1.58 13.42 -26.70
C ILE B 86 -1.93 14.77 -27.33
N ALA B 87 -2.37 15.72 -26.50
CA ALA B 87 -2.77 17.02 -27.03
C ALA B 87 -1.60 17.77 -27.64
N ASP B 88 -0.43 17.71 -27.00
CA ASP B 88 0.70 18.52 -27.44
C ASP B 88 1.62 17.79 -28.41
N TYR B 89 1.82 16.48 -28.24
CA TYR B 89 2.81 15.75 -29.02
C TYR B 89 2.23 14.84 -30.07
N ASN B 90 1.01 14.33 -29.89
CA ASN B 90 0.46 13.30 -30.76
C ASN B 90 -0.65 13.83 -31.65
N TYR B 91 -1.70 14.42 -31.09
CA TYR B 91 -2.85 14.89 -31.86
C TYR B 91 -3.45 16.10 -31.18
N LYS B 92 -3.41 17.24 -31.85
CA LYS B 92 -3.92 18.49 -31.32
C LYS B 92 -5.15 18.91 -32.10
N LEU B 93 -6.27 19.11 -31.39
CA LEU B 93 -7.47 19.67 -32.00
C LEU B 93 -7.41 21.19 -31.97
N PRO B 94 -7.84 21.84 -33.05
CA PRO B 94 -7.86 23.30 -33.06
C PRO B 94 -8.86 23.85 -32.06
N ASP B 95 -8.58 25.06 -31.57
CA ASP B 95 -9.53 25.72 -30.68
C ASP B 95 -10.85 26.00 -31.40
N ASP B 96 -10.78 26.40 -32.66
CA ASP B 96 -11.98 26.61 -33.46
C ASP B 96 -12.44 25.30 -34.09
N PHE B 97 -12.67 24.29 -33.26
CA PHE B 97 -13.03 22.96 -33.73
C PHE B 97 -14.53 22.89 -34.00
N THR B 98 -14.88 22.40 -35.18
CA THR B 98 -16.27 22.23 -35.59
C THR B 98 -16.45 20.76 -35.99
N GLY B 99 -16.89 19.94 -35.05
CA GLY B 99 -17.12 18.54 -35.32
C GLY B 99 -17.42 17.79 -34.04
N CYS B 100 -17.66 16.49 -34.21
CA CYS B 100 -17.99 15.60 -33.11
C CYS B 100 -16.83 14.66 -32.84
N VAL B 101 -16.49 14.49 -31.57
CA VAL B 101 -15.45 13.56 -31.15
C VAL B 101 -16.14 12.31 -30.61
N ILE B 102 -15.91 11.18 -31.29
CA ILE B 102 -16.57 9.92 -30.95
C ILE B 102 -15.52 8.97 -30.40
N ALA B 103 -15.73 8.50 -29.17
CA ALA B 103 -14.83 7.54 -28.55
C ALA B 103 -15.64 6.42 -27.94
N TRP B 104 -15.04 5.24 -27.87
CA TRP B 104 -15.68 4.09 -27.27
C TRP B 104 -14.61 3.09 -26.85
N ASN B 105 -14.83 2.43 -25.73
CA ASN B 105 -13.85 1.46 -25.24
C ASN B 105 -13.69 0.33 -26.23
N SER B 106 -12.44 0.04 -26.58
CA SER B 106 -12.10 -1.06 -27.47
C SER B 106 -11.22 -2.08 -26.77
N ASN B 107 -11.51 -2.35 -25.50
CA ASN B 107 -10.73 -3.32 -24.74
C ASN B 107 -10.83 -4.70 -25.36
N ASN B 108 -12.01 -5.08 -25.86
CA ASN B 108 -12.18 -6.38 -26.50
C ASN B 108 -11.36 -6.48 -27.77
N LEU B 109 -11.25 -5.38 -28.53
CA LEU B 109 -10.59 -5.40 -29.82
C LEU B 109 -9.09 -5.13 -29.72
N ASP B 110 -8.71 -4.03 -29.07
CA ASP B 110 -7.35 -3.51 -29.13
C ASP B 110 -6.49 -3.90 -27.93
N SER B 111 -6.94 -4.85 -27.12
CA SER B 111 -6.15 -5.29 -25.98
C SER B 111 -6.03 -6.81 -26.02
N LYS B 112 -4.83 -7.30 -25.72
CA LYS B 112 -4.54 -8.72 -25.75
C LYS B 112 -3.88 -9.12 -24.44
N VAL B 113 -4.06 -10.38 -24.06
CA VAL B 113 -3.40 -10.89 -22.86
C VAL B 113 -1.90 -10.89 -23.09
N GLY B 114 -1.16 -10.30 -22.14
CA GLY B 114 0.25 -10.10 -22.30
C GLY B 114 0.64 -8.74 -22.86
N GLY B 115 -0.31 -7.98 -23.37
CA GLY B 115 -0.05 -6.63 -23.83
C GLY B 115 -0.17 -6.52 -25.34
N ASN B 116 -0.71 -5.38 -25.80
CA ASN B 116 -0.79 -5.05 -27.21
C ASN B 116 0.01 -3.77 -27.43
N TYR B 117 1.21 -3.91 -27.99
CA TYR B 117 2.13 -2.79 -28.14
C TYR B 117 2.20 -2.29 -29.56
N ASN B 118 1.19 -2.60 -30.38
CA ASN B 118 1.16 -2.12 -31.76
C ASN B 118 0.79 -0.65 -31.87
N TYR B 119 0.32 -0.03 -30.78
CA TYR B 119 -0.04 1.38 -30.78
C TYR B 119 1.03 2.19 -30.07
N LEU B 120 1.54 3.21 -30.73
CA LEU B 120 2.64 4.02 -30.21
C LEU B 120 2.19 5.48 -30.10
N TYR B 121 2.74 6.17 -29.10
CA TYR B 121 2.48 7.58 -28.92
C TYR B 121 3.80 8.31 -28.76
N ARG B 122 3.90 9.49 -29.37
CA ARG B 122 5.11 10.30 -29.30
C ARG B 122 5.26 10.83 -27.88
N LEU B 123 6.21 10.27 -27.14
CA LEU B 123 6.41 10.65 -25.75
C LEU B 123 7.15 11.98 -25.63
N PHE B 124 8.08 12.26 -26.53
CA PHE B 124 8.90 13.46 -26.46
C PHE B 124 8.89 14.19 -27.80
N ARG B 125 8.84 15.51 -27.75
CA ARG B 125 8.95 16.33 -28.94
C ARG B 125 9.58 17.67 -28.55
N LYS B 126 10.23 18.29 -29.54
CA LYS B 126 10.88 19.58 -29.31
C LYS B 126 9.88 20.72 -29.15
N SER B 127 8.64 20.56 -29.62
CA SER B 127 7.64 21.59 -29.53
C SER B 127 6.26 20.95 -29.65
N ASN B 128 5.24 21.72 -29.30
CA ASN B 128 3.87 21.25 -29.40
C ASN B 128 3.41 21.22 -30.85
N LEU B 129 2.54 20.27 -31.15
CA LEU B 129 2.03 20.11 -32.51
C LEU B 129 1.06 21.23 -32.87
N LYS B 130 1.07 21.60 -34.15
CA LYS B 130 0.03 22.45 -34.70
C LYS B 130 -1.27 21.65 -34.79
N PRO B 131 -2.42 22.33 -34.85
CA PRO B 131 -3.68 21.61 -34.98
C PRO B 131 -3.71 20.76 -36.25
N PHE B 132 -4.21 19.54 -36.12
CA PHE B 132 -4.33 18.56 -37.20
C PHE B 132 -3.00 18.15 -37.80
N GLU B 133 -1.88 18.54 -37.18
CA GLU B 133 -0.58 18.19 -37.71
C GLU B 133 -0.21 16.76 -37.35
N ARG B 134 0.36 16.04 -38.32
CA ARG B 134 0.84 14.69 -38.12
C ARG B 134 2.36 14.68 -38.20
N ASP B 135 2.99 14.09 -37.19
CA ASP B 135 4.45 14.00 -37.12
C ASP B 135 4.82 12.52 -37.02
N ILE B 136 5.48 12.00 -38.06
CA ILE B 136 5.94 10.62 -38.08
C ILE B 136 7.45 10.52 -37.97
N SER B 137 8.12 11.63 -37.66
CA SER B 137 9.57 11.59 -37.49
C SER B 137 9.94 10.75 -36.29
N THR B 138 11.03 10.00 -36.42
CA THR B 138 11.46 9.03 -35.41
C THR B 138 12.95 9.14 -35.14
N GLU B 139 13.44 10.37 -34.99
CA GLU B 139 14.84 10.61 -34.65
C GLU B 139 14.99 10.75 -33.15
N ILE B 140 16.20 10.45 -32.66
CA ILE B 140 16.44 10.44 -31.22
C ILE B 140 16.25 11.84 -30.65
N TYR B 141 15.53 11.92 -29.54
CA TYR B 141 15.21 13.19 -28.89
C TYR B 141 16.32 13.58 -27.93
N GLN B 142 16.82 14.80 -28.06
CA GLN B 142 17.88 15.31 -27.21
C GLN B 142 17.28 16.12 -26.07
N ALA B 143 17.53 15.69 -24.84
CA ALA B 143 17.07 16.45 -23.68
C ALA B 143 18.08 17.54 -23.31
N GLY B 144 19.34 17.16 -23.14
CA GLY B 144 20.40 18.09 -22.80
C GLY B 144 21.12 18.60 -24.03
N SER B 145 22.33 19.10 -23.80
CA SER B 145 23.17 19.63 -24.86
C SER B 145 24.12 18.59 -25.45
N THR B 146 24.17 17.40 -24.88
CA THR B 146 25.05 16.35 -25.39
C THR B 146 24.45 15.75 -26.65
N PRO B 147 25.20 15.68 -27.75
CA PRO B 147 24.68 15.04 -28.96
C PRO B 147 24.44 13.55 -28.76
N CYS B 148 23.48 13.03 -29.50
CA CYS B 148 23.12 11.62 -29.41
C CYS B 148 23.72 10.77 -30.52
N ASN B 149 24.00 11.37 -31.68
CA ASN B 149 24.62 10.66 -32.81
C ASN B 149 23.77 9.48 -33.27
N GLY B 150 22.45 9.59 -33.15
CA GLY B 150 21.54 8.57 -33.63
C GLY B 150 21.35 7.37 -32.73
N VAL B 151 21.99 7.35 -31.55
CA VAL B 151 21.86 6.25 -30.61
C VAL B 151 21.40 6.82 -29.27
N GLU B 152 20.48 6.12 -28.62
CA GLU B 152 19.91 6.58 -27.35
C GLU B 152 20.84 6.23 -26.20
N GLY B 153 21.30 7.24 -25.48
CA GLY B 153 22.13 7.05 -24.32
C GLY B 153 21.58 7.74 -23.09
N PHE B 154 22.34 8.64 -22.50
CA PHE B 154 21.89 9.46 -21.38
C PHE B 154 21.42 10.81 -21.92
N ASN B 155 20.25 11.25 -21.47
CA ASN B 155 19.56 12.42 -22.00
C ASN B 155 19.22 12.27 -23.48
N CYS B 156 19.22 11.04 -23.98
CA CYS B 156 18.89 10.73 -25.37
C CYS B 156 17.81 9.66 -25.36
N TYR B 157 16.59 10.04 -25.72
CA TYR B 157 15.43 9.17 -25.62
C TYR B 157 14.77 9.00 -26.97
N PHE B 158 14.34 7.78 -27.26
CA PHE B 158 13.56 7.51 -28.47
C PHE B 158 12.20 8.17 -28.32
N PRO B 159 11.77 9.00 -29.26
CA PRO B 159 10.58 9.83 -29.02
C PRO B 159 9.28 9.06 -28.97
N LEU B 160 9.23 7.84 -29.48
CA LEU B 160 7.99 7.07 -29.55
C LEU B 160 7.95 6.02 -28.44
N GLN B 161 6.86 6.02 -27.68
CA GLN B 161 6.61 5.01 -26.66
C GLN B 161 5.35 4.24 -27.04
N SER B 162 5.34 2.95 -26.70
CA SER B 162 4.29 2.05 -27.12
C SER B 162 3.27 1.87 -25.99
N TYR B 163 1.99 1.98 -26.33
CA TYR B 163 0.93 1.70 -25.37
C TYR B 163 0.96 0.24 -24.96
N GLY B 164 0.91 -0.01 -23.66
CA GLY B 164 0.67 -1.34 -23.15
C GLY B 164 -0.81 -1.50 -22.88
N PHE B 165 -1.45 -2.39 -23.63
CA PHE B 165 -2.90 -2.56 -23.58
C PHE B 165 -3.22 -4.01 -23.21
N GLN B 166 -3.58 -4.22 -21.96
CA GLN B 166 -4.08 -5.49 -21.50
C GLN B 166 -5.57 -5.38 -21.22
N PRO B 167 -6.32 -6.49 -21.36
CA PRO B 167 -7.76 -6.44 -21.05
C PRO B 167 -8.03 -6.21 -19.58
N THR B 168 -7.07 -6.44 -18.69
CA THR B 168 -7.27 -6.34 -17.26
C THR B 168 -6.92 -4.96 -16.70
N ASN B 169 -6.49 -4.03 -17.54
CA ASN B 169 -6.16 -2.70 -17.05
C ASN B 169 -7.42 -1.96 -16.61
N GLY B 170 -7.23 -0.95 -15.78
CA GLY B 170 -8.34 -0.11 -15.39
C GLY B 170 -8.87 0.71 -16.55
N VAL B 171 -10.13 1.15 -16.40
CA VAL B 171 -10.81 1.79 -17.52
C VAL B 171 -10.08 3.03 -17.98
N GLY B 172 -9.29 3.65 -17.10
CA GLY B 172 -8.47 4.77 -17.53
C GLY B 172 -7.36 4.35 -18.46
N TYR B 173 -6.69 3.24 -18.15
CA TYR B 173 -5.58 2.74 -18.96
C TYR B 173 -6.06 1.64 -19.92
N GLN B 174 -7.12 1.97 -20.67
CA GLN B 174 -7.68 1.01 -21.61
C GLN B 174 -7.78 1.63 -22.99
N PRO B 175 -7.69 0.82 -24.04
CA PRO B 175 -7.75 1.38 -25.40
C PRO B 175 -9.12 1.96 -25.70
N TYR B 176 -9.12 3.12 -26.33
CA TYR B 176 -10.35 3.81 -26.73
C TYR B 176 -10.19 4.30 -28.16
N ARG B 177 -10.90 3.67 -29.08
CA ARG B 177 -10.88 4.10 -30.47
C ARG B 177 -11.59 5.44 -30.59
N VAL B 178 -10.86 6.47 -31.00
CA VAL B 178 -11.39 7.82 -31.13
C VAL B 178 -11.51 8.15 -32.60
N VAL B 179 -12.70 8.54 -33.03
CA VAL B 179 -12.96 8.99 -34.38
C VAL B 179 -13.39 10.44 -34.31
N VAL B 180 -12.61 11.32 -34.93
CA VAL B 180 -12.87 12.75 -34.90
C VAL B 180 -13.38 13.16 -36.27
N LEU B 181 -14.65 13.58 -36.33
CA LEU B 181 -15.26 14.02 -37.57
C LEU B 181 -15.06 15.52 -37.71
N SER B 182 -14.34 15.93 -38.75
CA SER B 182 -14.08 17.33 -39.03
C SER B 182 -14.81 17.74 -40.29
N PHE B 183 -15.62 18.79 -40.20
CA PHE B 183 -16.42 19.28 -41.30
C PHE B 183 -15.78 20.56 -41.84
N GLU B 184 -15.48 20.57 -43.13
CA GLU B 184 -14.77 21.67 -43.77
C GLU B 184 -15.63 22.28 -44.86
N LEU B 185 -15.71 23.60 -44.88
CA LEU B 185 -16.43 24.35 -45.90
C LEU B 185 -15.50 25.37 -46.53
N LEU B 186 -15.60 25.53 -47.84
CA LEU B 186 -14.77 26.46 -48.59
C LEU B 186 -15.63 27.12 -49.67
N HIS B 187 -14.97 27.78 -50.62
CA HIS B 187 -15.64 28.40 -51.75
C HIS B 187 -16.06 27.39 -52.81
N ALA B 188 -15.95 26.09 -52.52
CA ALA B 188 -16.35 25.06 -53.46
C ALA B 188 -17.87 25.06 -53.62
N PRO B 189 -18.37 24.48 -54.73
CA PRO B 189 -19.82 24.40 -54.91
C PRO B 189 -20.55 23.61 -53.83
N ALA B 190 -19.84 22.80 -53.06
CA ALA B 190 -20.41 22.03 -51.95
C ALA B 190 -21.53 21.10 -52.45
N THR B 191 -21.11 20.14 -53.28
CA THR B 191 -22.05 19.18 -53.85
C THR B 191 -22.73 18.35 -52.78
N VAL B 192 -21.98 17.96 -51.75
CA VAL B 192 -22.52 17.15 -50.66
C VAL B 192 -23.01 18.08 -49.57
N CYS B 193 -24.34 18.17 -49.43
CA CYS B 193 -24.97 18.98 -48.40
C CYS B 193 -25.76 18.14 -47.40
N GLY B 194 -26.57 17.20 -47.87
CA GLY B 194 -27.40 16.41 -47.02
C GLY B 194 -28.81 16.95 -46.95
N PRO B 195 -29.77 16.23 -47.56
CA PRO B 195 -31.18 16.62 -47.57
C PRO B 195 -31.79 16.74 -46.17
#